data_6VSH
#
_entry.id   6VSH
#
_cell.length_a   80.170
_cell.length_b   80.170
_cell.length_c   159.346
_cell.angle_alpha   90.000
_cell.angle_beta   90.000
_cell.angle_gamma   120.000
#
_symmetry.space_group_name_H-M   'P 32'
#
loop_
_entity.id
_entity.type
_entity.pdbx_description
1 polymer 'Dicamba O-demethylase, oxygenase component'
2 non-polymer 'FE2/S2 (INORGANIC) CLUSTER'
3 water water
#
_entity_poly.entity_id   1
_entity_poly.type   'polypeptide(L)'
_entity_poly.pdbx_seq_one_letter_code
;MATFVRNAWYVAALPEELSEKPLGRTILDTPLALYRQPDGVVAALLDICPHRFAPLSDGILVNGHLQCPYHGLEFDGGGQ
CVHNPHGNGARPASLNVRSFPVVERDALIWIWPGDPALADPGAIPDFGCRVDPAYRTVGGYGHVDCNYKLLVDNLMDLGH
AQYVHRANAQTDAFDRLEREVIVGDGEIQALMKIPGGTPSVLMAKFLRGANTPVDAWNDIRWNKVSAMLNFIAVAPEGTP
KEQSIHSRGTHILTPETEASCHYFFGSSRNFGIDDPEMDGVLRSWQAQALVKEDKVVVEAIERRRAYVEANGIRPAMLSC
DEAAVRVSREIEKLEQLEAARLEHHHHHH
;
_entity_poly.pdbx_strand_id   A,B,C
#
loop_
_chem_comp.id
_chem_comp.type
_chem_comp.name
_chem_comp.formula
FES non-polymer 'FE2/S2 (INORGANIC) CLUSTER' 'Fe2 S2'
#
# COMPACT_ATOMS: atom_id res chain seq x y z
N ALA A 2 6.97 2.45 -17.96
CA ALA A 2 6.82 3.83 -17.47
C ALA A 2 7.25 4.80 -18.56
N THR A 3 6.90 6.08 -18.43
CA THR A 3 7.30 7.08 -19.42
C THR A 3 8.31 8.05 -18.83
N PHE A 4 9.55 7.89 -19.25
CA PHE A 4 10.64 8.74 -18.84
C PHE A 4 11.39 9.22 -20.07
N VAL A 5 12.13 10.31 -19.92
CA VAL A 5 13.08 10.75 -20.93
C VAL A 5 14.46 10.36 -20.40
N ARG A 6 14.97 9.22 -20.86
CA ARG A 6 16.16 8.60 -20.28
C ARG A 6 17.45 9.18 -20.84
N ASN A 7 17.45 9.65 -22.10
CA ASN A 7 18.66 10.16 -22.73
C ASN A 7 18.81 11.63 -22.40
N ALA A 8 19.22 11.88 -21.16
CA ALA A 8 19.34 13.22 -20.61
C ALA A 8 20.14 13.12 -19.33
N TRP A 9 20.70 14.26 -18.91
CA TRP A 9 21.41 14.30 -17.64
C TRP A 9 20.40 14.66 -16.56
N TYR A 10 20.53 14.00 -15.39
CA TYR A 10 19.74 14.30 -14.21
C TYR A 10 20.64 14.32 -12.97
N VAL A 11 20.27 15.14 -12.00
CA VAL A 11 20.91 15.09 -10.69
C VAL A 11 20.42 13.86 -9.94
N ALA A 12 21.36 13.09 -9.39
CA ALA A 12 21.07 11.93 -8.56
C ALA A 12 21.37 12.14 -7.09
N ALA A 13 22.20 13.12 -6.74
CA ALA A 13 22.52 13.41 -5.35
C ALA A 13 23.21 14.76 -5.30
N LEU A 14 23.30 15.31 -4.10
CA LEU A 14 24.18 16.40 -3.74
C LEU A 14 25.48 15.80 -3.20
N PRO A 15 26.62 16.44 -3.45
CA PRO A 15 27.89 15.83 -3.09
C PRO A 15 27.95 15.43 -1.63
N GLU A 16 27.37 16.25 -0.75
CA GLU A 16 27.42 16.00 0.69
C GLU A 16 26.64 14.77 1.10
N GLU A 17 25.73 14.29 0.26
CA GLU A 17 25.07 13.03 0.59
C GLU A 17 25.98 11.84 0.39
N LEU A 18 26.97 11.92 -0.48
CA LEU A 18 27.76 10.76 -0.83
C LEU A 18 29.04 10.68 -0.02
N SER A 19 29.46 9.45 0.24
CA SER A 19 30.68 9.17 0.99
C SER A 19 31.12 7.76 0.64
N GLU A 20 31.95 7.18 1.49
CA GLU A 20 32.35 5.81 1.22
C GLU A 20 31.31 4.78 1.64
N LYS A 21 30.27 5.18 2.39
CA LYS A 21 29.13 4.29 2.59
C LYS A 21 28.12 4.52 1.46
N PRO A 22 27.81 3.53 0.64
CA PRO A 22 26.95 3.80 -0.53
C PRO A 22 25.56 4.24 -0.12
N LEU A 23 24.92 5.02 -1.00
CA LEU A 23 23.54 5.46 -0.89
C LEU A 23 22.70 4.77 -1.98
N GLY A 24 21.60 4.15 -1.58
CA GLY A 24 20.67 3.59 -2.53
C GLY A 24 19.66 4.67 -2.86
N ARG A 25 19.50 4.94 -4.15
CA ARG A 25 18.52 5.88 -4.64
C ARG A 25 18.02 5.39 -5.98
N THR A 26 16.72 5.55 -6.22
CA THR A 26 16.12 5.14 -7.48
C THR A 26 15.92 6.36 -8.38
N ILE A 27 16.44 6.27 -9.60
CA ILE A 27 16.38 7.34 -10.60
C ILE A 27 15.68 6.76 -11.84
N LEU A 28 14.55 7.34 -12.19
CA LEU A 28 13.75 6.89 -13.33
C LEU A 28 13.57 5.36 -13.30
N ASP A 29 13.06 4.84 -12.18
CA ASP A 29 12.84 3.41 -11.96
C ASP A 29 14.13 2.58 -12.03
N THR A 30 15.30 3.18 -11.80
CA THR A 30 16.54 2.43 -11.84
C THR A 30 17.19 2.53 -10.47
N PRO A 31 17.33 1.44 -9.74
CA PRO A 31 17.99 1.50 -8.44
C PRO A 31 19.50 1.65 -8.63
N LEU A 32 20.04 2.71 -8.06
CA LEU A 32 21.45 2.98 -8.18
C LEU A 32 22.08 2.84 -6.80
N ALA A 33 23.36 2.48 -6.79
CA ALA A 33 24.18 2.63 -5.60
C ALA A 33 25.21 3.69 -5.95
N LEU A 34 25.12 4.83 -5.26
CA LEU A 34 25.99 5.97 -5.50
C LEU A 34 26.97 6.02 -4.36
N TYR A 35 28.26 5.95 -4.67
CA TYR A 35 29.28 6.03 -3.61
C TYR A 35 30.52 6.77 -4.10
N ARG A 36 31.36 7.11 -3.14
CA ARG A 36 32.59 7.85 -3.39
C ARG A 36 33.77 6.95 -3.12
N GLN A 37 34.67 6.82 -4.12
CA GLN A 37 35.85 5.96 -4.08
C GLN A 37 36.95 6.56 -3.21
N PRO A 38 38.00 5.81 -2.89
CA PRO A 38 39.03 6.34 -1.97
C PRO A 38 39.67 7.67 -2.39
N ASP A 39 39.80 7.91 -3.70
CA ASP A 39 40.31 9.19 -4.17
C ASP A 39 39.22 10.23 -4.34
N GLY A 40 38.04 10.01 -3.77
CA GLY A 40 36.96 10.98 -3.87
C GLY A 40 36.13 10.95 -5.13
N VAL A 41 36.46 10.12 -6.11
CA VAL A 41 35.71 10.14 -7.36
C VAL A 41 34.46 9.27 -7.26
N VAL A 42 33.34 9.84 -7.68
CA VAL A 42 32.02 9.26 -7.45
C VAL A 42 31.73 8.20 -8.50
N ALA A 43 31.23 7.05 -8.06
CA ALA A 43 30.79 5.97 -8.92
C ALA A 43 29.28 5.79 -8.82
N ALA A 44 28.69 5.23 -9.87
CA ALA A 44 27.23 5.03 -9.90
C ALA A 44 26.91 3.67 -10.54
N LEU A 45 26.66 2.67 -9.71
CA LEU A 45 26.43 1.31 -10.17
C LEU A 45 24.96 0.91 -10.03
N LEU A 46 24.51 0.05 -10.95
CA LEU A 46 23.20 -0.58 -10.80
C LEU A 46 23.11 -1.34 -9.47
N ASP A 47 22.14 -0.99 -8.65
CA ASP A 47 22.01 -1.55 -7.29
C ASP A 47 21.48 -2.98 -7.31
N ILE A 48 21.98 -3.81 -8.22
CA ILE A 48 21.54 -5.19 -8.40
C ILE A 48 22.76 -6.05 -8.69
N CYS A 49 23.24 -6.81 -7.72
CA CYS A 49 24.43 -7.57 -7.97
C CYS A 49 24.20 -8.56 -9.10
N PRO A 50 25.18 -8.76 -10.01
CA PRO A 50 24.97 -9.73 -11.11
C PRO A 50 24.85 -11.18 -10.66
N HIS A 51 25.27 -11.52 -9.43
CA HIS A 51 25.17 -12.89 -8.94
C HIS A 51 23.71 -13.26 -8.66
N ARG A 52 23.22 -12.86 -7.49
CA ARG A 52 21.86 -13.19 -7.06
C ARG A 52 21.03 -11.95 -6.71
N PHE A 53 21.44 -10.79 -7.23
CA PHE A 53 20.66 -9.57 -7.29
C PHE A 53 20.58 -8.84 -5.97
N ALA A 54 21.48 -9.11 -5.04
CA ALA A 54 21.46 -8.37 -3.79
C ALA A 54 21.76 -6.88 -4.03
N PRO A 55 21.32 -6.04 -3.12
CA PRO A 55 21.64 -4.62 -3.20
C PRO A 55 23.09 -4.29 -2.85
N LEU A 56 23.86 -3.84 -3.83
CA LEU A 56 25.24 -3.41 -3.56
C LEU A 56 25.30 -2.26 -2.55
N SER A 57 24.29 -1.40 -2.53
CA SER A 57 24.27 -0.24 -1.65
C SER A 57 24.26 -0.58 -0.15
N ASP A 58 24.01 -1.84 0.22
CA ASP A 58 24.12 -2.29 1.60
C ASP A 58 25.50 -2.86 1.89
N GLY A 59 26.44 -2.69 0.96
CA GLY A 59 27.80 -3.14 1.15
C GLY A 59 28.73 -2.07 1.69
N ILE A 60 30.00 -2.42 1.75
CA ILE A 60 31.06 -1.51 2.15
C ILE A 60 32.18 -1.59 1.13
N LEU A 61 33.10 -0.64 1.23
CA LEU A 61 34.29 -0.68 0.40
C LEU A 61 35.30 -1.63 1.06
N VAL A 62 35.97 -2.43 0.24
CA VAL A 62 37.02 -3.33 0.71
C VAL A 62 38.22 -3.11 -0.20
N ASN A 63 39.31 -2.59 0.39
CA ASN A 63 40.46 -2.08 -0.35
C ASN A 63 39.96 -1.16 -1.45
N GLY A 64 39.07 -0.26 -1.06
CA GLY A 64 38.54 0.74 -1.97
C GLY A 64 37.55 0.26 -3.00
N HIS A 65 37.22 -1.04 -3.02
CA HIS A 65 36.25 -1.61 -3.94
C HIS A 65 34.95 -1.91 -3.19
N LEU A 66 33.81 -1.67 -3.83
CA LEU A 66 32.51 -1.97 -3.23
C LEU A 66 32.27 -3.46 -3.24
N GLN A 67 32.11 -4.03 -2.05
CA GLN A 67 31.90 -5.46 -1.90
C GLN A 67 30.45 -5.75 -1.58
N CYS A 68 29.85 -6.64 -2.38
CA CYS A 68 28.46 -6.98 -2.18
C CYS A 68 28.30 -7.63 -0.82
N PRO A 69 27.28 -7.24 -0.04
CA PRO A 69 27.12 -7.82 1.31
C PRO A 69 26.58 -9.24 1.30
N TYR A 70 26.09 -9.75 0.17
CA TYR A 70 25.61 -11.12 0.14
C TYR A 70 26.79 -12.09 0.04
N HIS A 71 27.44 -12.26 -1.11
CA HIS A 71 28.44 -13.31 -1.22
C HIS A 71 29.86 -12.79 -1.48
N GLY A 72 30.06 -11.48 -1.41
CA GLY A 72 31.38 -10.93 -1.28
C GLY A 72 32.11 -10.59 -2.55
N LEU A 73 31.44 -10.65 -3.71
CA LEU A 73 32.03 -10.14 -4.94
C LEU A 73 32.40 -8.68 -4.76
N GLU A 74 33.41 -8.25 -5.50
CA GLU A 74 33.93 -6.89 -5.37
C GLU A 74 33.97 -6.20 -6.73
N PHE A 75 33.64 -4.90 -6.73
CA PHE A 75 33.47 -4.14 -7.96
C PHE A 75 34.25 -2.83 -7.88
N ASP A 76 34.70 -2.37 -9.05
CA ASP A 76 35.38 -1.08 -9.16
C ASP A 76 34.38 -0.02 -9.66
N GLY A 77 34.85 1.22 -9.74
CA GLY A 77 33.96 2.28 -10.16
C GLY A 77 33.33 2.08 -11.52
N GLY A 78 33.91 1.25 -12.34
CA GLY A 78 33.36 1.01 -13.65
C GLY A 78 32.38 -0.13 -13.71
N GLY A 79 32.11 -0.77 -12.56
CA GLY A 79 31.24 -1.92 -12.53
C GLY A 79 31.94 -3.23 -12.82
N GLN A 80 33.25 -3.19 -13.00
CA GLN A 80 34.01 -4.38 -13.35
C GLN A 80 34.20 -5.22 -12.09
N CYS A 81 34.04 -6.52 -12.25
CA CYS A 81 34.30 -7.39 -11.11
C CYS A 81 35.79 -7.50 -10.90
N VAL A 82 36.27 -7.12 -9.72
CA VAL A 82 37.71 -7.12 -9.46
C VAL A 82 38.13 -8.16 -8.41
N HIS A 83 37.18 -8.86 -7.79
CA HIS A 83 37.54 -9.99 -6.94
C HIS A 83 36.40 -10.99 -6.85
N ASN A 84 36.73 -12.25 -7.06
CA ASN A 84 35.76 -13.33 -6.87
C ASN A 84 36.31 -14.26 -5.81
N PRO A 85 35.76 -14.25 -4.60
CA PRO A 85 36.31 -15.11 -3.53
C PRO A 85 35.80 -16.55 -3.55
N HIS A 86 35.38 -17.09 -4.70
CA HIS A 86 34.77 -18.41 -4.77
C HIS A 86 35.37 -19.29 -5.86
N GLY A 87 35.64 -20.55 -5.53
CA GLY A 87 36.07 -21.51 -6.53
C GLY A 87 37.39 -21.11 -7.16
N ASN A 88 37.48 -21.28 -8.50
CA ASN A 88 38.71 -20.85 -9.18
C ASN A 88 38.90 -19.31 -9.19
N GLY A 89 38.07 -18.55 -8.47
CA GLY A 89 38.14 -17.09 -8.40
C GLY A 89 37.85 -16.37 -9.71
N ALA A 90 37.44 -17.09 -10.75
CA ALA A 90 37.36 -16.50 -12.08
C ALA A 90 36.41 -15.32 -12.11
N ARG A 91 36.75 -14.35 -12.97
CA ARG A 91 35.98 -13.11 -13.12
C ARG A 91 35.62 -12.95 -14.58
N PRO A 92 34.69 -13.77 -15.10
CA PRO A 92 34.16 -13.55 -16.47
C PRO A 92 33.34 -12.27 -16.57
N ALA A 93 33.08 -11.87 -17.81
CA ALA A 93 32.39 -10.62 -18.04
C ALA A 93 31.00 -10.59 -17.41
N SER A 94 30.34 -11.76 -17.30
CA SER A 94 28.99 -11.76 -16.74
C SER A 94 28.94 -11.34 -15.27
N LEU A 95 30.08 -11.18 -14.60
CA LEU A 95 30.11 -10.72 -13.22
C LEU A 95 30.24 -9.22 -13.13
N ASN A 96 30.18 -8.52 -14.25
CA ASN A 96 30.18 -7.07 -14.26
C ASN A 96 28.77 -6.53 -14.00
N VAL A 97 28.69 -5.48 -13.19
CA VAL A 97 27.47 -4.75 -12.96
C VAL A 97 27.51 -3.51 -13.85
N ARG A 98 26.35 -3.14 -14.39
CA ARG A 98 26.25 -1.91 -15.16
C ARG A 98 26.71 -0.71 -14.32
N SER A 99 27.43 0.19 -14.97
CA SER A 99 27.87 1.46 -14.40
C SER A 99 27.22 2.59 -15.20
N PHE A 100 26.85 3.67 -14.53
CA PHE A 100 26.20 4.73 -15.29
C PHE A 100 27.14 5.92 -15.38
N PRO A 101 27.10 6.67 -16.48
CA PRO A 101 27.90 7.90 -16.55
C PRO A 101 27.56 8.82 -15.40
N VAL A 102 28.58 9.20 -14.63
CA VAL A 102 28.37 10.08 -13.49
C VAL A 102 29.43 11.16 -13.55
N VAL A 103 29.00 12.41 -13.46
CA VAL A 103 29.87 13.57 -13.51
C VAL A 103 29.56 14.45 -12.32
N GLU A 104 30.55 14.72 -11.48
CA GLU A 104 30.39 15.67 -10.39
C GLU A 104 30.81 17.04 -10.91
N ARG A 105 29.85 17.97 -10.96
CA ARG A 105 30.09 19.28 -11.55
C ARG A 105 29.14 20.28 -10.90
N ASP A 106 29.65 21.48 -10.64
CA ASP A 106 28.83 22.55 -10.08
C ASP A 106 28.16 22.07 -8.82
N ALA A 107 28.92 21.34 -8.01
CA ALA A 107 28.45 20.79 -6.74
C ALA A 107 27.17 20.00 -6.91
N LEU A 108 27.03 19.28 -8.01
CA LEU A 108 25.87 18.45 -8.29
C LEU A 108 26.42 17.12 -8.78
N ILE A 109 25.69 16.03 -8.53
CA ILE A 109 26.12 14.72 -9.01
C ILE A 109 25.20 14.32 -10.15
N TRP A 110 25.69 14.45 -11.38
CA TRP A 110 24.88 14.20 -12.57
C TRP A 110 25.04 12.77 -13.06
N ILE A 111 23.94 12.22 -13.55
CA ILE A 111 23.87 10.84 -14.02
C ILE A 111 23.13 10.78 -15.33
N TRP A 112 23.59 9.92 -16.24
CA TRP A 112 22.89 9.70 -17.50
C TRP A 112 22.20 8.35 -17.41
N PRO A 113 20.88 8.31 -17.22
CA PRO A 113 20.16 7.04 -17.05
C PRO A 113 19.81 6.27 -18.31
N GLY A 114 20.00 6.84 -19.50
CA GLY A 114 19.62 6.22 -20.76
C GLY A 114 20.78 5.59 -21.50
N ASP A 115 20.75 5.74 -22.84
CA ASP A 115 21.73 5.20 -23.77
C ASP A 115 23.10 5.78 -23.48
N PRO A 116 24.01 4.98 -22.91
CA PRO A 116 25.32 5.53 -22.51
C PRO A 116 26.15 5.99 -23.70
N ALA A 117 25.78 5.61 -24.91
CA ALA A 117 26.55 6.05 -26.06
C ALA A 117 26.28 7.52 -26.36
N LEU A 118 25.12 8.02 -25.97
CA LEU A 118 24.73 9.39 -26.22
C LEU A 118 25.07 10.32 -25.05
N ALA A 119 25.62 9.78 -23.95
CA ALA A 119 25.97 10.58 -22.78
C ALA A 119 27.18 11.44 -23.13
N ASP A 120 26.98 12.74 -23.14
CA ASP A 120 28.02 13.69 -23.56
C ASP A 120 28.17 14.75 -22.48
N PRO A 121 29.24 14.71 -21.68
CA PRO A 121 29.33 15.64 -20.54
C PRO A 121 29.25 17.12 -20.92
N GLY A 122 29.49 17.45 -22.18
CA GLY A 122 29.33 18.82 -22.59
C GLY A 122 27.90 19.30 -22.55
N ALA A 123 26.94 18.39 -22.45
CA ALA A 123 25.53 18.76 -22.46
C ALA A 123 24.98 19.02 -21.05
N ILE A 124 25.79 18.87 -20.03
CA ILE A 124 25.29 19.08 -18.68
C ILE A 124 24.97 20.55 -18.49
N PRO A 125 23.77 20.91 -18.03
CA PRO A 125 23.41 22.33 -17.88
C PRO A 125 24.36 23.10 -16.98
N ASP A 126 24.48 24.38 -17.26
CA ASP A 126 25.46 25.22 -16.61
C ASP A 126 24.88 25.76 -15.30
N PHE A 127 25.39 25.23 -14.21
CA PHE A 127 25.00 25.65 -12.88
C PHE A 127 26.23 26.16 -12.16
N GLY A 128 27.01 26.96 -12.89
CA GLY A 128 28.31 27.40 -12.41
C GLY A 128 28.27 28.21 -11.13
N CYS A 129 27.23 29.03 -10.94
CA CYS A 129 27.16 29.86 -9.72
C CYS A 129 27.30 29.03 -8.44
N ARG A 130 26.96 27.74 -8.48
CA ARG A 130 27.09 26.92 -7.28
C ARG A 130 28.55 26.76 -6.87
N VAL A 131 29.50 26.87 -7.79
CA VAL A 131 30.91 26.84 -7.39
C VAL A 131 31.57 28.18 -7.55
N ASP A 132 30.80 29.19 -7.92
CA ASP A 132 31.36 30.51 -8.13
C ASP A 132 31.64 31.14 -6.79
N PRO A 133 32.90 31.41 -6.45
CA PRO A 133 33.20 31.97 -5.12
C PRO A 133 32.59 33.36 -4.91
N ALA A 134 32.11 34.00 -5.99
CA ALA A 134 31.36 35.24 -5.88
C ALA A 134 30.03 35.06 -5.18
N TYR A 135 29.51 33.84 -5.12
CA TYR A 135 28.20 33.58 -4.54
C TYR A 135 28.32 32.72 -3.29
N ARG A 136 27.29 32.79 -2.45
CA ARG A 136 27.14 31.93 -1.29
C ARG A 136 26.02 30.94 -1.61
N THR A 137 26.36 29.65 -1.64
CA THR A 137 25.47 28.61 -2.11
C THR A 137 25.07 27.67 -0.96
N VAL A 138 23.76 27.52 -0.72
CA VAL A 138 23.24 26.58 0.26
C VAL A 138 22.03 25.89 -0.37
N GLY A 139 21.68 24.72 0.17
CA GLY A 139 20.52 24.02 -0.37
C GLY A 139 20.29 22.70 0.34
N GLY A 140 19.50 21.83 -0.28
CA GLY A 140 19.19 20.57 0.36
C GLY A 140 18.38 19.66 -0.53
N TYR A 141 17.74 18.66 0.09
CA TYR A 141 17.06 17.61 -0.64
C TYR A 141 15.62 17.48 -0.16
N GLY A 142 14.73 17.06 -1.04
CA GLY A 142 13.38 16.74 -0.67
C GLY A 142 12.73 15.67 -1.53
N HIS A 143 11.92 14.80 -0.93
CA HIS A 143 11.15 13.79 -1.66
C HIS A 143 9.66 14.15 -1.69
N VAL A 144 9.02 13.95 -2.84
CA VAL A 144 7.60 14.29 -3.02
C VAL A 144 6.87 13.19 -3.77
N ASP A 145 5.66 12.86 -3.30
CA ASP A 145 4.85 11.81 -3.92
C ASP A 145 3.97 12.38 -5.03
N CYS A 146 4.62 12.78 -6.11
CA CYS A 146 3.90 13.22 -7.31
C CYS A 146 4.81 13.02 -8.51
N ASN A 147 4.18 12.87 -9.67
CA ASN A 147 4.94 12.87 -10.90
C ASN A 147 5.72 14.18 -11.05
N TYR A 148 6.96 14.07 -11.53
CA TYR A 148 7.87 15.21 -11.52
C TYR A 148 7.34 16.39 -12.33
N LYS A 149 6.55 16.13 -13.39
CA LYS A 149 6.12 17.24 -14.25
C LYS A 149 5.26 18.21 -13.48
N LEU A 150 4.59 17.75 -12.44
CA LEU A 150 3.76 18.64 -11.64
C LEU A 150 4.62 19.64 -10.90
N LEU A 151 5.78 19.23 -10.43
CA LEU A 151 6.70 20.16 -9.81
C LEU A 151 7.47 21.01 -10.81
N VAL A 152 7.59 20.56 -12.07
CA VAL A 152 8.14 21.41 -13.12
C VAL A 152 7.12 22.48 -13.53
N ASP A 153 5.84 22.11 -13.67
CA ASP A 153 4.78 23.08 -13.90
C ASP A 153 4.78 24.16 -12.80
N ASN A 154 4.76 23.74 -11.53
CA ASN A 154 4.77 24.68 -10.41
C ASN A 154 5.88 25.71 -10.50
N LEU A 155 7.09 25.29 -10.90
CA LEU A 155 8.24 26.19 -10.91
C LEU A 155 8.23 27.12 -12.11
N MET A 156 7.75 26.67 -13.26
CA MET A 156 7.58 27.49 -14.45
C MET A 156 6.37 28.37 -14.37
N ASP A 157 5.80 28.62 -13.20
CA ASP A 157 4.51 29.29 -13.14
C ASP A 157 4.72 30.80 -12.98
N LEU A 158 3.82 31.57 -13.61
CA LEU A 158 3.88 33.03 -13.79
C LEU A 158 4.22 33.75 -12.50
N GLY A 159 5.37 34.44 -12.52
CA GLY A 159 5.90 35.14 -11.35
C GLY A 159 5.77 34.40 -10.04
N HIS A 160 5.97 33.07 -10.04
CA HIS A 160 5.83 32.28 -8.81
C HIS A 160 7.21 31.96 -8.26
N ALA A 161 7.49 32.52 -7.10
CA ALA A 161 8.69 32.30 -6.34
C ALA A 161 8.36 31.51 -5.08
N GLN A 162 9.40 31.20 -4.34
CA GLN A 162 9.38 30.41 -3.13
C GLN A 162 9.07 31.34 -1.95
N TYR A 163 8.71 30.73 -0.81
CA TYR A 163 8.21 31.49 0.34
C TYR A 163 9.18 32.59 0.78
N VAL A 164 10.48 32.26 0.87
CA VAL A 164 11.50 33.22 1.29
C VAL A 164 11.68 34.33 0.24
N HIS A 165 10.97 34.24 -0.89
CA HIS A 165 11.02 35.22 -1.97
C HIS A 165 9.67 35.86 -2.25
N ARG A 166 8.96 36.21 -1.18
CA ARG A 166 7.70 36.94 -1.27
C ARG A 166 7.93 38.38 -1.70
N ALA A 167 6.89 38.99 -2.27
CA ALA A 167 6.83 40.44 -2.47
C ALA A 167 5.41 40.84 -2.88
N LEU A 177 10.54 46.71 -19.47
CA LEU A 177 10.00 45.51 -20.13
C LEU A 177 9.17 44.69 -19.13
N GLU A 178 8.25 43.85 -19.63
CA GLU A 178 7.49 42.97 -18.76
C GLU A 178 7.86 41.52 -18.98
N ARG A 179 6.96 40.73 -19.56
CA ARG A 179 7.16 39.29 -19.68
C ARG A 179 7.77 38.94 -21.04
N GLU A 180 8.37 37.75 -21.12
CA GLU A 180 8.99 37.28 -22.36
C GLU A 180 9.42 35.81 -22.22
N VAL A 181 9.01 34.95 -23.15
CA VAL A 181 9.33 33.51 -23.13
C VAL A 181 10.19 33.21 -24.35
N ILE A 182 11.47 32.95 -24.13
CA ILE A 182 12.38 32.62 -25.21
C ILE A 182 12.52 31.11 -25.25
N VAL A 183 12.28 30.54 -26.42
CA VAL A 183 12.35 29.10 -26.61
C VAL A 183 13.46 28.79 -27.60
N GLY A 184 14.37 27.91 -27.18
CA GLY A 184 15.48 27.39 -27.96
C GLY A 184 15.48 25.87 -27.93
N ASP A 185 16.58 25.25 -28.36
CA ASP A 185 16.66 23.79 -28.38
C ASP A 185 16.95 23.27 -26.98
N GLY A 186 15.97 22.59 -26.36
CA GLY A 186 16.20 22.01 -25.05
C GLY A 186 16.51 22.99 -23.94
N GLU A 187 16.19 24.28 -24.15
CA GLU A 187 16.35 25.34 -23.18
C GLU A 187 15.22 26.34 -23.37
N ILE A 188 14.61 26.78 -22.27
CA ILE A 188 13.54 27.77 -22.29
C ILE A 188 13.82 28.80 -21.21
N GLN A 189 13.63 30.08 -21.52
CA GLN A 189 13.75 31.14 -20.53
C GLN A 189 12.43 31.89 -20.51
N ALA A 190 11.93 32.15 -19.30
CA ALA A 190 10.71 32.92 -19.07
C ALA A 190 11.10 34.08 -18.16
N LEU A 191 11.08 35.30 -18.73
CA LEU A 191 11.63 36.50 -18.10
C LEU A 191 10.55 37.48 -17.63
N MET A 192 10.80 38.11 -16.47
CA MET A 192 9.99 39.21 -15.94
C MET A 192 10.87 40.29 -15.34
N LYS A 193 10.69 41.51 -15.82
CA LYS A 193 11.25 42.71 -15.21
C LYS A 193 10.11 43.51 -14.62
N ILE A 194 10.26 43.94 -13.37
CA ILE A 194 9.20 44.67 -12.67
C ILE A 194 9.68 46.07 -12.28
N PRO A 195 9.44 47.10 -13.12
CA PRO A 195 9.92 48.46 -12.77
C PRO A 195 9.13 49.12 -11.66
N GLY A 196 9.67 49.22 -10.45
CA GLY A 196 8.97 49.96 -9.42
C GLY A 196 7.78 49.27 -8.80
N GLY A 197 6.93 48.64 -9.63
CA GLY A 197 5.84 47.79 -9.16
C GLY A 197 4.54 48.43 -8.63
N THR A 198 3.62 47.51 -8.20
CA THR A 198 2.32 47.80 -7.58
C THR A 198 2.08 46.96 -6.32
N PRO A 199 2.21 45.59 -6.36
CA PRO A 199 2.21 44.83 -5.09
C PRO A 199 3.38 45.17 -4.17
N SER A 200 4.58 44.64 -4.48
CA SER A 200 5.82 45.02 -3.80
C SER A 200 7.00 44.71 -4.71
N VAL A 201 7.99 45.60 -4.74
CA VAL A 201 9.19 45.33 -5.54
C VAL A 201 10.39 44.88 -4.72
N LEU A 202 10.34 45.00 -3.42
CA LEU A 202 11.45 44.56 -2.58
C LEU A 202 11.02 43.25 -1.94
N MET A 203 11.84 42.22 -2.06
CA MET A 203 11.48 40.97 -1.44
C MET A 203 11.93 40.97 0.01
N ALA A 204 11.22 40.19 0.84
CA ALA A 204 11.43 40.30 2.28
C ALA A 204 12.89 40.08 2.63
N LYS A 205 13.51 39.07 2.03
CA LYS A 205 14.89 38.76 2.35
C LYS A 205 15.86 39.73 1.70
N PHE A 206 15.47 40.34 0.58
CA PHE A 206 16.33 41.30 -0.12
C PHE A 206 16.33 42.71 0.48
N LEU A 207 15.21 43.17 1.08
CA LEU A 207 14.98 44.61 1.25
C LEU A 207 16.12 45.32 1.99
N ARG A 208 16.93 44.61 2.78
CA ARG A 208 17.97 45.25 3.57
C ARG A 208 19.13 45.72 2.68
N GLY A 209 18.90 45.78 1.38
CA GLY A 209 19.78 46.37 0.37
C GLY A 209 19.30 47.74 -0.08
N ALA A 210 19.98 48.82 0.31
CA ALA A 210 19.67 50.20 -0.09
C ALA A 210 18.34 50.66 0.52
N ASN A 211 17.64 51.60 -0.14
CA ASN A 211 16.39 52.18 0.39
C ASN A 211 15.49 52.94 -0.63
N THR A 212 16.09 53.59 -1.63
CA THR A 212 15.36 54.35 -2.67
C THR A 212 14.64 53.41 -3.69
N PRO A 213 13.60 53.91 -4.38
CA PRO A 213 12.82 53.09 -5.33
C PRO A 213 13.64 52.27 -6.33
N VAL A 214 13.15 51.05 -6.62
CA VAL A 214 13.92 49.95 -7.21
C VAL A 214 13.20 49.30 -8.39
N ASP A 215 13.96 48.52 -9.15
CA ASP A 215 13.48 47.58 -10.16
C ASP A 215 13.61 46.15 -9.64
N ALA A 216 12.74 45.26 -10.13
CA ALA A 216 12.74 43.86 -9.70
C ALA A 216 12.74 42.89 -10.87
N TRP A 217 13.36 41.73 -10.65
CA TRP A 217 13.44 40.68 -11.64
C TRP A 217 13.04 39.36 -11.02
N ASN A 218 12.42 38.51 -11.85
CA ASN A 218 12.01 37.15 -11.52
C ASN A 218 12.11 36.30 -12.79
N ASP A 219 13.33 35.87 -13.13
CA ASP A 219 13.57 35.04 -14.34
C ASP A 219 13.77 33.57 -13.98
N ILE A 220 13.49 32.70 -14.93
CA ILE A 220 13.75 31.29 -14.71
C ILE A 220 14.19 30.63 -16.01
N ARG A 221 15.17 29.75 -15.92
CA ARG A 221 15.73 29.01 -17.04
C ARG A 221 15.39 27.54 -16.86
N TRP A 222 14.87 26.92 -17.90
CA TRP A 222 14.63 25.48 -17.93
C TRP A 222 15.59 24.84 -18.92
N ASN A 223 16.23 23.76 -18.50
CA ASN A 223 17.05 22.95 -19.38
C ASN A 223 16.50 21.54 -19.46
N LYS A 224 16.85 20.88 -20.59
CA LYS A 224 16.24 19.65 -21.06
C LYS A 224 15.98 18.72 -19.90
N VAL A 225 14.72 18.32 -19.82
CA VAL A 225 14.08 17.51 -18.78
C VAL A 225 14.44 18.10 -17.41
N SER A 226 13.55 18.89 -16.86
CA SER A 226 13.43 19.16 -15.40
C SER A 226 14.65 19.72 -14.65
N ALA A 227 15.56 20.45 -15.28
CA ALA A 227 16.59 21.18 -14.53
C ALA A 227 16.36 22.67 -14.70
N MET A 228 16.18 23.39 -13.60
CA MET A 228 15.81 24.80 -13.65
C MET A 228 16.67 25.67 -12.72
N LEU A 229 16.93 26.90 -13.19
CA LEU A 229 17.72 27.89 -12.44
C LEU A 229 17.04 29.24 -12.59
N ASN A 230 16.56 29.82 -11.48
CA ASN A 230 15.83 31.08 -11.54
C ASN A 230 16.73 32.21 -11.08
N PHE A 231 16.21 33.41 -11.21
CA PHE A 231 16.96 34.62 -10.89
C PHE A 231 16.00 35.57 -10.18
N ILE A 232 16.16 35.75 -8.88
CA ILE A 232 15.35 36.67 -8.11
C ILE A 232 16.25 37.84 -7.80
N ALA A 233 15.87 39.04 -8.26
CA ALA A 233 16.80 40.17 -8.20
C ALA A 233 16.07 41.45 -7.85
N VAL A 234 16.81 42.35 -7.23
CA VAL A 234 16.35 43.69 -6.84
C VAL A 234 17.50 44.65 -7.05
N ALA A 235 17.21 45.82 -7.60
CA ALA A 235 18.25 46.80 -7.88
C ALA A 235 17.64 48.20 -7.89
N PRO A 236 18.39 49.21 -7.44
CA PRO A 236 17.87 50.59 -7.47
C PRO A 236 17.77 51.13 -8.90
N GLU A 237 16.77 52.00 -9.09
CA GLU A 237 16.69 52.82 -10.31
C GLU A 237 16.64 52.02 -11.58
N GLY A 238 17.76 52.00 -12.27
CA GLY A 238 17.99 51.19 -13.43
C GLY A 238 19.46 50.84 -13.45
N THR A 239 19.89 49.95 -12.55
CA THR A 239 21.28 49.53 -12.51
C THR A 239 21.43 48.20 -13.26
N PRO A 240 22.64 47.83 -13.68
CA PRO A 240 22.79 46.60 -14.47
C PRO A 240 22.17 45.39 -13.79
N LYS A 241 21.46 44.58 -14.59
CA LYS A 241 20.79 43.38 -14.06
C LYS A 241 21.75 42.50 -13.28
N GLU A 242 22.97 42.32 -13.80
CA GLU A 242 24.00 41.48 -13.19
C GLU A 242 24.78 42.17 -12.09
N GLN A 243 24.62 43.48 -11.93
CA GLN A 243 25.22 44.23 -10.83
C GLN A 243 24.22 44.44 -9.70
N SER A 244 23.14 43.68 -9.71
CA SER A 244 22.03 43.80 -8.76
C SER A 244 22.27 42.95 -7.53
N ILE A 245 21.37 43.09 -6.57
CA ILE A 245 21.29 42.19 -5.44
C ILE A 245 20.33 41.07 -5.86
N HIS A 246 20.84 39.84 -5.90
CA HIS A 246 20.08 38.77 -6.52
C HIS A 246 20.49 37.45 -5.89
N SER A 247 19.70 36.42 -6.21
CA SER A 247 19.94 35.03 -5.82
C SER A 247 19.64 34.14 -7.01
N ARG A 248 20.51 33.19 -7.28
CA ARG A 248 20.26 32.24 -8.36
C ARG A 248 19.79 30.92 -7.74
N GLY A 249 18.52 30.62 -7.93
CA GLY A 249 17.94 29.44 -7.31
C GLY A 249 18.07 28.17 -8.12
N THR A 250 18.69 27.15 -7.51
CA THR A 250 18.82 25.83 -8.08
C THR A 250 17.56 25.04 -7.77
N HIS A 251 16.82 24.61 -8.78
CA HIS A 251 15.59 23.84 -8.56
C HIS A 251 15.57 22.71 -9.58
N ILE A 252 16.10 21.55 -9.21
CA ILE A 252 16.27 20.43 -10.14
C ILE A 252 15.43 19.25 -9.68
N LEU A 253 14.67 18.68 -10.60
CA LEU A 253 13.81 17.55 -10.32
C LEU A 253 14.29 16.32 -11.06
N THR A 254 14.23 15.18 -10.40
CA THR A 254 14.65 13.91 -10.99
C THR A 254 13.58 12.87 -10.71
N PRO A 255 12.95 12.29 -11.73
CA PRO A 255 11.92 11.29 -11.47
C PRO A 255 12.48 10.12 -10.68
N GLU A 256 11.69 9.65 -9.71
CA GLU A 256 12.00 8.46 -8.95
C GLU A 256 11.25 7.25 -9.51
N THR A 257 9.92 7.29 -9.41
CA THR A 257 9.00 6.35 -10.02
C THR A 257 8.11 7.19 -10.94
N GLU A 258 7.17 6.56 -11.65
CA GLU A 258 6.27 7.35 -12.49
C GLU A 258 5.53 8.41 -11.67
N ALA A 259 5.28 8.16 -10.39
CA ALA A 259 4.42 9.00 -9.57
C ALA A 259 5.14 9.53 -8.33
N SER A 260 6.47 9.65 -8.39
CA SER A 260 7.21 10.27 -7.31
C SER A 260 8.49 10.85 -7.89
N CYS A 261 9.14 11.71 -7.10
CA CYS A 261 10.37 12.34 -7.59
C CYS A 261 11.21 12.88 -6.44
N HIS A 262 12.46 13.17 -6.79
CA HIS A 262 13.46 13.78 -5.95
C HIS A 262 13.56 15.23 -6.35
N TYR A 263 13.69 16.12 -5.36
CA TYR A 263 13.81 17.56 -5.59
C TYR A 263 15.10 18.02 -4.96
N PHE A 264 15.97 18.61 -5.79
CA PHE A 264 17.23 19.18 -5.31
C PHE A 264 17.09 20.69 -5.45
N PHE A 265 17.07 21.41 -4.32
CA PHE A 265 16.84 22.83 -4.30
C PHE A 265 18.08 23.52 -3.76
N GLY A 266 18.31 24.73 -4.24
CA GLY A 266 19.49 25.44 -3.82
C GLY A 266 19.35 26.91 -4.12
N SER A 267 20.16 27.67 -3.42
CA SER A 267 20.15 29.12 -3.41
C SER A 267 21.58 29.58 -3.60
N SER A 268 21.82 30.40 -4.62
CA SER A 268 23.14 31.01 -4.88
C SER A 268 22.99 32.51 -4.81
N ARG A 269 23.32 33.09 -3.67
CA ARG A 269 23.07 34.50 -3.39
C ARG A 269 24.37 35.30 -3.38
N ASN A 270 24.25 36.58 -3.74
CA ASN A 270 25.36 37.53 -3.73
C ASN A 270 25.22 38.57 -2.62
N PHE A 271 24.34 38.32 -1.66
CA PHE A 271 24.06 39.24 -0.56
C PHE A 271 24.08 38.47 0.73
N GLY A 272 24.60 39.07 1.79
CA GLY A 272 24.67 38.43 3.09
C GLY A 272 25.45 37.14 3.05
N ILE A 273 26.58 37.22 2.36
CA ILE A 273 27.40 36.04 2.15
C ILE A 273 27.78 35.40 3.47
N ASP A 274 28.15 36.19 4.47
CA ASP A 274 28.64 35.57 5.70
C ASP A 274 27.55 35.50 6.76
N ASP A 275 26.28 35.41 6.35
CA ASP A 275 25.17 35.44 7.30
C ASP A 275 24.66 34.01 7.53
N PRO A 276 25.01 33.37 8.64
CA PRO A 276 24.50 32.01 8.88
C PRO A 276 23.02 31.94 9.18
N GLU A 277 22.43 33.02 9.73
CA GLU A 277 20.98 33.04 9.87
C GLU A 277 20.33 32.89 8.50
N MET A 278 20.90 33.57 7.52
CA MET A 278 20.41 33.49 6.15
C MET A 278 20.58 32.09 5.58
N ASP A 279 21.69 31.41 5.94
CA ASP A 279 21.90 30.05 5.48
C ASP A 279 20.79 29.14 6.02
N GLY A 280 20.36 29.38 7.25
CA GLY A 280 19.38 28.49 7.86
C GLY A 280 18.10 28.44 7.08
N VAL A 281 17.55 29.61 6.71
CA VAL A 281 16.24 29.67 6.05
C VAL A 281 16.36 29.16 4.61
N LEU A 282 17.48 29.41 3.96
CA LEU A 282 17.67 29.02 2.58
C LEU A 282 17.95 27.53 2.46
N ARG A 283 18.29 26.88 3.58
CA ARG A 283 18.39 25.43 3.66
C ARG A 283 17.05 24.80 4.01
N SER A 284 16.03 25.63 4.29
CA SER A 284 14.69 25.15 4.59
C SER A 284 13.92 24.73 3.36
N TRP A 285 13.48 23.47 3.37
CA TRP A 285 12.76 22.89 2.26
C TRP A 285 11.38 23.52 2.04
N GLN A 286 10.69 23.96 3.10
CA GLN A 286 9.42 24.66 2.88
C GLN A 286 9.58 26.13 2.53
N ALA A 287 10.69 26.74 2.89
CA ALA A 287 10.93 28.16 2.66
C ALA A 287 11.50 28.43 1.27
N GLN A 288 12.36 27.53 0.79
CA GLN A 288 13.06 27.59 -0.48
C GLN A 288 12.46 26.74 -1.59
N ALA A 289 12.04 25.51 -1.32
CA ALA A 289 11.51 24.65 -2.39
C ALA A 289 9.99 24.54 -2.48
N LEU A 290 9.37 23.90 -1.50
CA LEU A 290 7.95 23.60 -1.61
C LEU A 290 7.24 23.86 -0.29
N VAL A 291 6.18 24.65 -0.34
CA VAL A 291 5.44 24.94 0.88
C VAL A 291 4.64 23.70 1.26
N LYS A 292 4.30 23.55 2.54
CA LYS A 292 3.54 22.36 2.90
C LYS A 292 2.21 22.34 2.18
N GLU A 293 1.60 23.51 1.99
CA GLU A 293 0.34 23.54 1.25
C GLU A 293 0.57 23.19 -0.23
N ASP A 294 1.79 23.40 -0.76
CA ASP A 294 1.96 23.04 -2.18
C ASP A 294 2.22 21.55 -2.36
N LYS A 295 2.98 20.93 -1.45
CA LYS A 295 3.14 19.48 -1.48
C LYS A 295 1.80 18.78 -1.37
N VAL A 296 0.87 19.35 -0.59
CA VAL A 296 -0.43 18.72 -0.46
C VAL A 296 -1.20 18.83 -1.77
N VAL A 297 -1.08 19.95 -2.47
CA VAL A 297 -1.82 20.09 -3.73
C VAL A 297 -1.26 19.12 -4.76
N VAL A 298 0.06 19.12 -4.95
CA VAL A 298 0.67 18.29 -5.99
C VAL A 298 0.51 16.81 -5.66
N GLU A 299 0.67 16.45 -4.39
CA GLU A 299 0.45 15.07 -4.08
C GLU A 299 -1.02 14.70 -4.29
N ALA A 300 -1.94 15.64 -4.05
CA ALA A 300 -3.36 15.40 -4.29
C ALA A 300 -3.69 15.34 -5.78
N ILE A 301 -3.09 16.19 -6.60
CA ILE A 301 -3.29 16.08 -8.05
C ILE A 301 -2.87 14.70 -8.56
N GLU A 302 -1.74 14.18 -8.08
CA GLU A 302 -1.26 12.88 -8.53
C GLU A 302 -2.28 11.78 -8.26
N ARG A 303 -2.88 11.78 -7.07
CA ARG A 303 -3.93 10.80 -6.77
C ARG A 303 -5.14 11.01 -7.65
N ARG A 304 -5.26 12.17 -8.28
CA ARG A 304 -6.37 12.35 -9.19
C ARG A 304 -6.03 11.94 -10.63
N ARG A 305 -4.80 11.50 -10.90
CA ARG A 305 -4.44 11.20 -12.28
C ARG A 305 -5.31 10.07 -12.83
N ALA A 306 -5.59 9.05 -12.03
CA ALA A 306 -6.36 7.94 -12.57
C ALA A 306 -7.77 8.38 -12.97
N TYR A 307 -8.41 9.22 -12.16
CA TYR A 307 -9.75 9.68 -12.54
C TYR A 307 -9.71 10.52 -13.81
N VAL A 308 -8.82 11.52 -13.87
CA VAL A 308 -8.90 12.40 -15.04
C VAL A 308 -8.55 11.61 -16.29
N GLU A 309 -7.71 10.58 -16.19
CA GLU A 309 -7.38 9.84 -17.40
C GLU A 309 -8.52 8.95 -17.83
N ALA A 310 -9.20 8.33 -16.85
CA ALA A 310 -10.32 7.44 -17.15
C ALA A 310 -11.48 8.18 -17.79
N ASN A 311 -11.77 9.39 -17.33
CA ASN A 311 -12.68 10.30 -18.02
C ASN A 311 -11.84 11.09 -19.00
N GLY A 312 -12.43 11.95 -19.81
CA GLY A 312 -11.51 12.47 -20.81
C GLY A 312 -10.82 13.80 -20.51
N ILE A 313 -10.41 14.00 -19.27
CA ILE A 313 -10.27 15.35 -18.71
C ILE A 313 -8.91 15.95 -19.03
N ARG A 314 -8.91 17.01 -19.82
CA ARG A 314 -7.68 17.70 -20.17
C ARG A 314 -7.69 19.04 -19.50
N PRO A 315 -6.55 19.54 -19.07
CA PRO A 315 -6.56 20.78 -18.31
C PRO A 315 -6.90 22.00 -19.16
N ALA A 316 -7.56 22.96 -18.54
CA ALA A 316 -7.94 24.22 -19.16
C ALA A 316 -6.88 25.23 -18.79
N MET A 317 -6.18 25.75 -19.80
CA MET A 317 -5.03 26.60 -19.58
C MET A 317 -5.45 28.05 -19.40
N LEU A 318 -4.66 28.78 -18.65
CA LEU A 318 -4.88 30.20 -18.39
C LEU A 318 -3.75 31.01 -18.99
N SER A 319 -3.82 32.32 -18.73
CA SER A 319 -2.77 33.23 -19.19
C SER A 319 -1.48 32.97 -18.45
N CYS A 320 -1.55 32.53 -17.19
CA CYS A 320 -0.34 32.41 -16.39
C CYS A 320 0.45 31.16 -16.75
N ASP A 321 0.07 30.46 -17.81
CA ASP A 321 0.65 29.15 -18.10
C ASP A 321 1.53 29.09 -19.33
N GLU A 322 1.85 30.24 -19.95
CA GLU A 322 2.52 30.16 -21.24
C GLU A 322 3.85 29.42 -21.15
N ALA A 323 4.69 29.79 -20.19
CA ALA A 323 6.01 29.17 -20.11
C ALA A 323 5.91 27.68 -19.82
N ALA A 324 5.06 27.31 -18.85
CA ALA A 324 4.97 25.90 -18.46
C ALA A 324 4.46 25.03 -19.60
N VAL A 325 3.47 25.50 -20.33
CA VAL A 325 2.93 24.68 -21.41
C VAL A 325 4.00 24.42 -22.45
N ARG A 326 4.91 25.39 -22.66
CA ARG A 326 5.97 25.19 -23.64
C ARG A 326 7.00 24.18 -23.14
N VAL A 327 7.40 24.29 -21.86
CA VAL A 327 8.27 23.24 -21.29
C VAL A 327 7.55 21.90 -21.36
N SER A 328 6.25 21.92 -21.14
CA SER A 328 5.52 20.67 -21.20
C SER A 328 5.61 20.07 -22.59
N ARG A 329 5.39 20.88 -23.62
CA ARG A 329 5.41 20.36 -24.99
C ARG A 329 6.81 19.96 -25.43
N GLU A 330 7.83 20.66 -24.94
CA GLU A 330 9.19 20.24 -25.23
C GLU A 330 9.48 18.89 -24.58
N ILE A 331 9.05 18.71 -23.34
CA ILE A 331 9.23 17.42 -22.69
C ILE A 331 8.50 16.35 -23.47
N GLU A 332 7.27 16.63 -23.92
CA GLU A 332 6.53 15.59 -24.61
C GLU A 332 7.22 15.14 -25.89
N LYS A 333 7.73 16.09 -26.69
CA LYS A 333 8.44 15.70 -27.90
C LYS A 333 9.57 14.74 -27.58
N LEU A 334 10.31 15.01 -26.51
CA LEU A 334 11.38 14.10 -26.13
C LEU A 334 10.84 12.74 -25.75
N GLU A 335 9.68 12.70 -25.11
CA GLU A 335 9.08 11.40 -24.79
C GLU A 335 8.79 10.65 -26.08
N GLN A 336 8.34 11.38 -27.12
CA GLN A 336 8.03 10.76 -28.39
C GLN A 336 9.28 10.25 -29.07
N LEU A 337 10.37 11.03 -29.06
CA LEU A 337 11.59 10.58 -29.71
C LEU A 337 12.03 9.23 -29.17
N GLU A 338 11.96 9.03 -27.86
CA GLU A 338 12.37 7.76 -27.28
C GLU A 338 11.37 6.65 -27.55
N ALA A 339 10.08 6.93 -27.36
CA ALA A 339 9.07 5.90 -27.59
C ALA A 339 9.10 5.37 -29.02
N ALA A 340 9.45 6.24 -29.99
CA ALA A 340 9.53 5.82 -31.39
C ALA A 340 10.71 4.90 -31.64
N ARG A 341 11.88 5.17 -31.03
CA ARG A 341 13.07 4.40 -31.31
C ARG A 341 12.84 2.91 -31.04
N LEU A 342 12.33 2.58 -29.85
CA LEU A 342 11.95 1.20 -29.60
C LEU A 342 10.46 0.97 -29.95
N ALA B 2 -15.07 -0.14 -12.07
CA ALA B 2 -16.08 -0.66 -11.16
C ALA B 2 -17.50 -0.69 -11.81
N THR B 3 -18.42 -1.46 -11.22
CA THR B 3 -19.81 -1.53 -11.66
C THR B 3 -20.67 -0.94 -10.56
N PHE B 4 -21.15 0.27 -10.74
CA PHE B 4 -21.95 0.98 -9.76
C PHE B 4 -23.27 1.33 -10.41
N VAL B 5 -24.24 1.69 -9.59
CA VAL B 5 -25.52 2.20 -10.07
C VAL B 5 -25.52 3.71 -9.92
N ARG B 6 -25.28 4.41 -11.03
CA ARG B 6 -25.06 5.84 -10.94
C ARG B 6 -26.37 6.63 -10.94
N ASN B 7 -27.42 6.11 -11.58
CA ASN B 7 -28.71 6.82 -11.66
C ASN B 7 -29.53 6.52 -10.41
N ALA B 8 -29.08 7.09 -9.30
CA ALA B 8 -29.75 6.84 -8.03
C ALA B 8 -29.29 7.87 -7.02
N TRP B 9 -30.13 8.09 -6.01
CA TRP B 9 -29.77 8.98 -4.93
C TRP B 9 -28.98 8.20 -3.88
N TYR B 10 -27.91 8.80 -3.39
CA TYR B 10 -27.11 8.24 -2.31
C TYR B 10 -26.84 9.34 -1.30
N VAL B 11 -26.71 8.95 -0.03
CA VAL B 11 -26.26 9.90 0.96
C VAL B 11 -24.78 10.14 0.75
N ALA B 12 -24.37 11.40 0.72
CA ALA B 12 -22.96 11.73 0.68
C ALA B 12 -22.44 12.21 2.02
N ALA B 13 -23.31 12.69 2.89
CA ALA B 13 -22.85 13.15 4.19
C ALA B 13 -24.08 13.32 5.08
N LEU B 14 -23.81 13.52 6.37
CA LEU B 14 -24.71 14.00 7.41
C LEU B 14 -24.59 15.52 7.50
N PRO B 15 -25.69 16.23 7.73
CA PRO B 15 -25.62 17.70 7.64
C PRO B 15 -24.56 18.30 8.53
N GLU B 16 -24.32 17.73 9.69
CA GLU B 16 -23.31 18.28 10.59
C GLU B 16 -21.90 18.08 10.07
N GLU B 17 -21.69 17.20 9.11
CA GLU B 17 -20.34 17.09 8.55
C GLU B 17 -19.99 18.27 7.68
N LEU B 18 -20.97 19.00 7.16
CA LEU B 18 -20.71 20.07 6.23
C LEU B 18 -20.71 21.42 6.94
N SER B 19 -19.90 22.34 6.44
CA SER B 19 -19.83 23.68 7.00
C SER B 19 -19.30 24.59 5.90
N GLU B 20 -18.82 25.77 6.30
CA GLU B 20 -18.11 26.59 5.32
C GLU B 20 -16.73 26.03 5.05
N LYS B 21 -16.27 25.05 5.84
CA LYS B 21 -15.06 24.33 5.51
C LYS B 21 -15.40 23.12 4.65
N PRO B 22 -14.86 23.03 3.44
CA PRO B 22 -15.24 21.97 2.51
C PRO B 22 -14.79 20.59 2.98
N LEU B 23 -15.60 19.56 2.67
CA LEU B 23 -15.26 18.16 2.96
C LEU B 23 -14.97 17.37 1.69
N GLY B 24 -13.82 16.71 1.64
CA GLY B 24 -13.54 15.83 0.51
C GLY B 24 -14.05 14.43 0.79
N ARG B 25 -14.92 13.93 -0.07
CA ARG B 25 -15.44 12.59 0.06
C ARG B 25 -15.63 12.00 -1.32
N THR B 26 -15.31 10.71 -1.48
CA THR B 26 -15.46 10.02 -2.76
C THR B 26 -16.69 9.11 -2.78
N ILE B 27 -17.47 9.25 -3.84
CA ILE B 27 -18.74 8.58 -4.05
C ILE B 27 -18.64 7.87 -5.39
N LEU B 28 -18.84 6.56 -5.40
CA LEU B 28 -18.85 5.76 -6.64
C LEU B 28 -17.70 6.18 -7.55
N ASP B 29 -16.49 6.18 -6.98
CA ASP B 29 -15.25 6.52 -7.68
C ASP B 29 -15.24 7.94 -8.21
N THR B 30 -16.03 8.84 -7.63
CA THR B 30 -16.07 10.25 -8.05
C THR B 30 -15.66 11.13 -6.86
N PRO B 31 -14.52 11.81 -6.91
CA PRO B 31 -14.10 12.63 -5.77
C PRO B 31 -14.91 13.92 -5.68
N LEU B 32 -15.59 14.13 -4.56
CA LEU B 32 -16.44 15.31 -4.41
C LEU B 32 -15.84 16.30 -3.43
N ALA B 33 -16.22 17.57 -3.61
CA ALA B 33 -16.01 18.62 -2.62
C ALA B 33 -17.39 19.09 -2.17
N LEU B 34 -17.69 18.87 -0.88
CA LEU B 34 -18.97 19.19 -0.25
C LEU B 34 -18.79 20.35 0.72
N TYR B 35 -19.58 21.41 0.53
CA TYR B 35 -19.54 22.54 1.45
C TYR B 35 -20.89 23.20 1.50
N ARG B 36 -21.08 24.00 2.54
CA ARG B 36 -22.35 24.68 2.80
C ARG B 36 -22.16 26.16 2.56
N GLN B 37 -23.00 26.75 1.69
CA GLN B 37 -22.88 28.15 1.29
C GLN B 37 -23.37 29.06 2.41
N PRO B 38 -23.06 30.36 2.34
CA PRO B 38 -23.43 31.26 3.45
C PRO B 38 -24.92 31.22 3.78
N ASP B 39 -25.77 30.94 2.82
CA ASP B 39 -27.19 30.84 3.11
C ASP B 39 -27.59 29.47 3.60
N GLY B 40 -26.63 28.63 3.98
CA GLY B 40 -26.94 27.31 4.44
C GLY B 40 -27.16 26.28 3.34
N VAL B 41 -27.17 26.67 2.05
CA VAL B 41 -27.47 25.71 0.97
C VAL B 41 -26.23 24.89 0.61
N VAL B 42 -26.40 23.56 0.52
CA VAL B 42 -25.29 22.63 0.31
C VAL B 42 -25.02 22.46 -1.18
N ALA B 43 -23.74 22.56 -1.57
CA ALA B 43 -23.29 22.34 -2.94
C ALA B 43 -22.31 21.17 -3.00
N ALA B 44 -22.22 20.51 -4.18
CA ALA B 44 -21.38 19.33 -4.39
C ALA B 44 -20.69 19.42 -5.75
N LEU B 45 -19.41 19.76 -5.75
CA LEU B 45 -18.59 19.94 -6.93
C LEU B 45 -17.60 18.80 -7.10
N LEU B 46 -17.26 18.48 -8.35
CA LEU B 46 -16.19 17.55 -8.65
C LEU B 46 -14.86 18.06 -8.05
N ASP B 47 -14.23 17.27 -7.18
CA ASP B 47 -13.05 17.77 -6.47
C ASP B 47 -11.80 17.81 -7.35
N ILE B 48 -11.93 18.29 -8.58
CA ILE B 48 -10.80 18.35 -9.50
C ILE B 48 -10.86 19.70 -10.20
N CYS B 49 -10.00 20.63 -9.81
CA CYS B 49 -10.08 21.96 -10.41
C CYS B 49 -9.86 21.90 -11.93
N PRO B 50 -10.65 22.65 -12.71
CA PRO B 50 -10.52 22.57 -14.19
C PRO B 50 -9.19 23.10 -14.73
N HIS B 51 -8.45 23.90 -13.98
CA HIS B 51 -7.14 24.38 -14.40
C HIS B 51 -6.12 23.23 -14.41
N ARG B 52 -5.64 22.84 -13.22
CA ARG B 52 -4.60 21.81 -13.16
C ARG B 52 -4.92 20.70 -12.15
N PHE B 53 -6.21 20.48 -11.85
CA PHE B 53 -6.74 19.31 -11.16
C PHE B 53 -6.49 19.32 -9.67
N ALA B 54 -6.23 20.48 -9.08
CA ALA B 54 -6.01 20.57 -7.64
C ALA B 54 -7.27 20.20 -6.85
N PRO B 55 -7.09 19.81 -5.58
CA PRO B 55 -8.25 19.56 -4.73
C PRO B 55 -8.98 20.82 -4.30
N LEU B 56 -10.18 21.03 -4.86
CA LEU B 56 -11.02 22.13 -4.42
C LEU B 56 -11.36 22.00 -2.94
N SER B 57 -11.52 20.76 -2.47
CA SER B 57 -11.87 20.51 -1.09
C SER B 57 -10.82 20.96 -0.09
N ASP B 58 -9.60 21.26 -0.53
CA ASP B 58 -8.57 21.82 0.33
C ASP B 58 -8.56 23.33 0.29
N GLY B 59 -9.59 23.92 -0.34
CA GLY B 59 -9.75 25.35 -0.41
C GLY B 59 -10.60 25.87 0.73
N ILE B 60 -10.96 27.15 0.64
CA ILE B 60 -11.84 27.78 1.59
C ILE B 60 -12.89 28.55 0.80
N LEU B 61 -13.90 29.05 1.51
CA LEU B 61 -14.91 29.89 0.89
C LEU B 61 -14.45 31.35 0.84
N VAL B 62 -14.70 32.01 -0.28
CA VAL B 62 -14.43 33.42 -0.46
C VAL B 62 -15.72 33.98 -1.00
N ASN B 63 -16.39 34.80 -0.18
CA ASN B 63 -17.74 35.28 -0.45
C ASN B 63 -18.65 34.13 -0.83
N GLY B 64 -18.62 33.05 -0.04
CA GLY B 64 -19.45 31.90 -0.32
C GLY B 64 -19.06 31.06 -1.52
N HIS B 65 -17.99 31.44 -2.22
CA HIS B 65 -17.53 30.71 -3.39
C HIS B 65 -16.31 29.89 -3.03
N LEU B 66 -16.26 28.65 -3.53
CA LEU B 66 -15.12 27.80 -3.23
C LEU B 66 -13.90 28.25 -4.03
N GLN B 67 -12.84 28.63 -3.33
CA GLN B 67 -11.62 29.08 -3.98
C GLN B 67 -10.58 27.97 -4.01
N CYS B 68 -10.08 27.68 -5.20
CA CYS B 68 -9.09 26.62 -5.33
C CYS B 68 -7.81 27.00 -4.60
N PRO B 69 -7.21 26.07 -3.84
CA PRO B 69 -6.00 26.43 -3.08
C PRO B 69 -4.73 26.56 -3.93
N TYR B 70 -4.74 26.08 -5.17
CA TYR B 70 -3.52 26.17 -5.98
C TYR B 70 -3.36 27.60 -6.49
N HIS B 71 -4.20 27.99 -7.48
CA HIS B 71 -4.09 29.26 -8.20
C HIS B 71 -5.30 30.18 -8.05
N GLY B 72 -6.30 29.85 -7.22
CA GLY B 72 -7.27 30.86 -6.82
C GLY B 72 -8.52 31.00 -7.66
N LEU B 73 -8.78 30.07 -8.59
CA LEU B 73 -10.07 30.08 -9.27
C LEU B 73 -11.20 29.94 -8.27
N GLU B 74 -12.34 30.57 -8.56
CA GLU B 74 -13.46 30.60 -7.62
C GLU B 74 -14.72 30.06 -8.28
N PHE B 75 -15.46 29.24 -7.54
CA PHE B 75 -16.58 28.52 -8.12
C PHE B 75 -17.82 28.72 -7.28
N ASP B 76 -18.97 28.79 -7.94
CA ASP B 76 -20.21 28.90 -7.21
C ASP B 76 -20.86 27.51 -7.16
N GLY B 77 -22.02 27.43 -6.50
CA GLY B 77 -22.69 26.16 -6.32
C GLY B 77 -23.04 25.45 -7.60
N GLY B 78 -23.11 26.16 -8.70
CA GLY B 78 -23.40 25.48 -9.94
C GLY B 78 -22.16 24.98 -10.63
N GLY B 79 -20.98 25.20 -10.05
CA GLY B 79 -19.73 24.82 -10.68
C GLY B 79 -19.17 25.87 -11.61
N GLN B 80 -19.84 27.03 -11.68
CA GLN B 80 -19.48 28.11 -12.57
C GLN B 80 -18.27 28.87 -12.02
N CYS B 81 -17.29 29.16 -12.88
CA CYS B 81 -16.12 29.92 -12.45
C CYS B 81 -16.53 31.38 -12.31
N VAL B 82 -16.40 31.95 -11.12
CA VAL B 82 -16.84 33.32 -10.86
C VAL B 82 -15.69 34.27 -10.59
N HIS B 83 -14.46 33.78 -10.53
CA HIS B 83 -13.35 34.72 -10.42
C HIS B 83 -12.09 34.07 -10.97
N ASN B 84 -11.42 34.80 -11.85
CA ASN B 84 -10.13 34.36 -12.35
C ASN B 84 -9.11 35.44 -12.05
N PRO B 85 -8.26 35.26 -11.10
CA PRO B 85 -7.33 36.32 -10.77
C PRO B 85 -6.16 36.39 -11.73
N HIS B 86 -6.32 35.99 -12.99
CA HIS B 86 -5.16 35.92 -13.86
C HIS B 86 -5.42 36.63 -15.17
N GLY B 87 -4.42 37.38 -15.62
CA GLY B 87 -4.51 38.05 -16.89
C GLY B 87 -5.68 38.99 -16.87
N ASN B 88 -6.41 39.04 -17.97
CA ASN B 88 -7.64 39.83 -18.13
C ASN B 88 -8.83 39.32 -17.25
N GLY B 89 -8.66 38.40 -16.28
CA GLY B 89 -9.77 37.90 -15.49
C GLY B 89 -10.81 37.10 -16.25
N ALA B 90 -10.57 36.79 -17.53
CA ALA B 90 -11.57 36.13 -18.36
C ALA B 90 -11.89 34.77 -17.78
N ARG B 91 -13.15 34.38 -17.94
CA ARG B 91 -13.70 33.14 -17.38
C ARG B 91 -14.44 32.41 -18.49
N PRO B 92 -13.73 31.78 -19.41
CA PRO B 92 -14.41 30.91 -20.38
C PRO B 92 -15.06 29.70 -19.73
N ALA B 93 -16.03 29.13 -20.44
CA ALA B 93 -16.77 28.01 -19.87
C ALA B 93 -15.85 26.85 -19.58
N SER B 94 -14.71 26.77 -20.29
CA SER B 94 -13.79 25.67 -20.01
C SER B 94 -13.30 25.68 -18.57
N LEU B 95 -13.50 26.77 -17.83
CA LEU B 95 -13.11 26.85 -16.43
C LEU B 95 -14.23 26.44 -15.47
N ASN B 96 -15.39 26.01 -15.95
CA ASN B 96 -16.42 25.54 -15.04
C ASN B 96 -16.14 24.11 -14.61
N VAL B 97 -16.36 23.81 -13.33
CA VAL B 97 -16.24 22.47 -12.78
C VAL B 97 -17.62 21.83 -12.68
N ARG B 98 -17.67 20.53 -12.91
CA ARG B 98 -18.92 19.81 -12.79
C ARG B 98 -19.55 20.00 -11.42
N SER B 99 -20.86 20.18 -11.39
CA SER B 99 -21.65 20.32 -10.18
C SER B 99 -22.61 19.15 -10.09
N PHE B 100 -22.88 18.68 -8.88
CA PHE B 100 -23.78 17.52 -8.78
C PHE B 100 -25.12 17.89 -8.16
N PRO B 101 -26.21 17.28 -8.61
CA PRO B 101 -27.49 17.50 -7.90
C PRO B 101 -27.37 17.05 -6.46
N VAL B 102 -27.72 17.96 -5.55
CA VAL B 102 -27.70 17.65 -4.13
C VAL B 102 -29.02 18.15 -3.53
N VAL B 103 -29.61 17.34 -2.67
CA VAL B 103 -30.83 17.66 -1.94
C VAL B 103 -30.63 17.34 -0.46
N GLU B 104 -30.73 18.35 0.40
CA GLU B 104 -30.68 18.15 1.85
C GLU B 104 -32.10 17.89 2.36
N ARG B 105 -32.31 16.71 2.94
CA ARG B 105 -33.65 16.26 3.33
C ARG B 105 -33.53 15.21 4.42
N ASP B 106 -34.45 15.26 5.39
CA ASP B 106 -34.50 14.27 6.47
C ASP B 106 -33.17 14.17 7.21
N ALA B 107 -32.51 15.31 7.40
CA ALA B 107 -31.20 15.38 8.05
C ALA B 107 -30.21 14.44 7.38
N LEU B 108 -30.28 14.39 6.05
CA LEU B 108 -29.40 13.61 5.20
C LEU B 108 -29.00 14.47 4.02
N ILE B 109 -27.80 14.23 3.50
CA ILE B 109 -27.32 14.93 2.31
C ILE B 109 -27.38 13.92 1.17
N TRP B 110 -28.38 14.05 0.30
CA TRP B 110 -28.53 13.15 -0.85
C TRP B 110 -27.85 13.71 -2.08
N ILE B 111 -27.26 12.83 -2.89
CA ILE B 111 -26.52 13.21 -4.09
C ILE B 111 -26.90 12.30 -5.23
N TRP B 112 -27.01 12.87 -6.44
CA TRP B 112 -27.23 12.05 -7.63
C TRP B 112 -25.93 11.99 -8.43
N PRO B 113 -25.15 10.92 -8.30
CA PRO B 113 -23.84 10.86 -8.94
C PRO B 113 -23.88 10.48 -10.41
N GLY B 114 -25.03 10.19 -10.99
CA GLY B 114 -25.10 9.85 -12.40
C GLY B 114 -25.54 11.00 -13.30
N ASP B 115 -26.30 10.65 -14.32
CA ASP B 115 -26.88 11.51 -15.35
C ASP B 115 -27.76 12.57 -14.73
N PRO B 116 -27.37 13.85 -14.78
CA PRO B 116 -28.15 14.91 -14.11
C PRO B 116 -29.52 15.13 -14.69
N ALA B 117 -29.78 14.63 -15.91
CA ALA B 117 -31.06 14.81 -16.54
C ALA B 117 -32.16 13.96 -15.91
N LEU B 118 -31.78 12.88 -15.24
CA LEU B 118 -32.70 11.94 -14.63
C LEU B 118 -32.87 12.20 -13.14
N ALA B 119 -32.14 13.16 -12.58
CA ALA B 119 -32.20 13.38 -11.14
C ALA B 119 -33.55 13.97 -10.73
N ASP B 120 -34.32 13.19 -9.96
CA ASP B 120 -35.69 13.52 -9.58
C ASP B 120 -35.84 13.51 -8.05
N PRO B 121 -35.91 14.68 -7.40
CA PRO B 121 -35.97 14.71 -5.92
C PRO B 121 -37.12 13.93 -5.33
N GLY B 122 -38.14 13.63 -6.12
CA GLY B 122 -39.25 12.80 -5.68
C GLY B 122 -38.88 11.35 -5.44
N ALA B 123 -37.75 10.91 -5.96
CA ALA B 123 -37.32 9.53 -5.77
C ALA B 123 -36.47 9.35 -4.52
N ILE B 124 -36.21 10.41 -3.79
CA ILE B 124 -35.41 10.26 -2.57
C ILE B 124 -36.20 9.42 -1.57
N PRO B 125 -35.62 8.38 -0.98
CA PRO B 125 -36.34 7.62 0.03
C PRO B 125 -36.81 8.49 1.20
N ASP B 126 -37.88 8.04 1.82
CA ASP B 126 -38.53 8.75 2.90
C ASP B 126 -37.86 8.40 4.22
N PHE B 127 -37.24 9.38 4.87
CA PHE B 127 -36.65 9.22 6.20
C PHE B 127 -37.17 10.29 7.14
N GLY B 128 -38.48 10.51 7.11
CA GLY B 128 -39.07 11.61 7.86
C GLY B 128 -38.87 11.52 9.36
N CYS B 129 -38.84 10.32 9.94
CA CYS B 129 -38.65 10.20 11.38
C CYS B 129 -37.38 10.88 11.84
N ARG B 130 -36.42 11.06 10.93
CA ARG B 130 -35.17 11.71 11.29
C ARG B 130 -35.35 13.19 11.65
N VAL B 131 -36.40 13.84 11.14
CA VAL B 131 -36.73 15.25 11.42
C VAL B 131 -38.04 15.39 12.21
N ASP B 132 -38.60 14.28 12.67
CA ASP B 132 -39.88 14.31 13.39
C ASP B 132 -39.65 14.78 14.81
N PRO B 133 -40.32 15.86 15.25
CA PRO B 133 -40.11 16.30 16.65
C PRO B 133 -40.57 15.27 17.66
N ALA B 134 -41.37 14.29 17.21
CA ALA B 134 -41.75 13.16 18.05
C ALA B 134 -40.58 12.22 18.34
N TYR B 135 -39.51 12.30 17.56
CA TYR B 135 -38.41 11.38 17.71
C TYR B 135 -37.15 12.13 18.11
N ARG B 136 -36.27 11.43 18.82
CA ARG B 136 -34.96 11.94 19.20
C ARG B 136 -33.94 11.18 18.36
N THR B 137 -33.20 11.90 17.52
CA THR B 137 -32.37 11.25 16.51
C THR B 137 -30.87 11.49 16.77
N VAL B 138 -30.10 10.40 16.85
CA VAL B 138 -28.64 10.45 16.98
C VAL B 138 -27.99 9.39 16.08
N GLY B 139 -26.77 9.66 15.68
CA GLY B 139 -26.07 8.75 14.80
C GLY B 139 -24.71 9.28 14.44
N GLY B 140 -24.14 8.74 13.37
CA GLY B 140 -22.82 9.13 12.94
C GLY B 140 -22.44 8.48 11.61
N TYR B 141 -21.13 8.42 11.37
CA TYR B 141 -20.56 7.95 10.11
C TYR B 141 -19.55 6.84 10.38
N GLY B 142 -19.37 5.98 9.40
CA GLY B 142 -18.29 5.05 9.45
C GLY B 142 -17.82 4.70 8.05
N HIS B 143 -16.52 4.53 7.88
CA HIS B 143 -15.95 4.04 6.64
C HIS B 143 -15.59 2.58 6.85
N VAL B 144 -15.91 1.73 5.87
CA VAL B 144 -15.64 0.30 5.96
C VAL B 144 -15.02 -0.21 4.68
N ASP B 145 -13.99 -1.05 4.82
CA ASP B 145 -13.23 -1.62 3.69
C ASP B 145 -13.91 -2.89 3.18
N CYS B 146 -15.06 -2.70 2.57
CA CYS B 146 -15.76 -3.79 1.94
C CYS B 146 -16.65 -3.23 0.85
N ASN B 147 -16.93 -4.05 -0.15
CA ASN B 147 -17.95 -3.68 -1.11
C ASN B 147 -19.28 -3.52 -0.36
N TYR B 148 -20.04 -2.50 -0.73
CA TYR B 148 -21.25 -2.12 0.01
C TYR B 148 -22.27 -3.25 0.06
N LYS B 149 -22.31 -4.14 -0.94
CA LYS B 149 -23.32 -5.18 -0.96
C LYS B 149 -23.22 -6.10 0.25
N LEU B 150 -22.03 -6.22 0.82
CA LEU B 150 -21.80 -7.04 2.00
C LEU B 150 -22.42 -6.43 3.25
N LEU B 151 -22.43 -5.10 3.36
CA LEU B 151 -23.14 -4.46 4.47
C LEU B 151 -24.63 -4.31 4.21
N VAL B 152 -25.07 -4.39 2.95
CA VAL B 152 -26.50 -4.55 2.71
C VAL B 152 -26.92 -5.97 3.08
N ASP B 153 -26.12 -6.98 2.68
CA ASP B 153 -26.34 -8.37 3.10
C ASP B 153 -26.40 -8.47 4.61
N ASN B 154 -25.39 -7.95 5.28
CA ASN B 154 -25.40 -8.02 6.73
C ASN B 154 -26.67 -7.45 7.33
N LEU B 155 -27.15 -6.31 6.81
CA LEU B 155 -28.29 -5.61 7.42
C LEU B 155 -29.64 -6.24 7.05
N MET B 156 -29.77 -6.82 5.87
CA MET B 156 -31.01 -7.52 5.54
C MET B 156 -31.15 -8.89 6.24
N ASP B 157 -30.37 -9.18 7.29
CA ASP B 157 -30.42 -10.51 7.88
C ASP B 157 -31.06 -10.48 9.26
N LEU B 177 -48.26 -12.20 12.89
CA LEU B 177 -47.04 -12.06 12.09
C LEU B 177 -45.82 -12.82 12.68
N GLU B 178 -45.14 -13.62 11.83
CA GLU B 178 -43.78 -14.10 12.11
C GLU B 178 -42.82 -13.32 11.21
N ARG B 179 -41.84 -13.98 10.56
CA ARG B 179 -40.97 -13.32 9.59
C ARG B 179 -41.59 -13.37 8.19
N GLU B 180 -41.91 -12.19 7.64
CA GLU B 180 -42.59 -12.04 6.36
C GLU B 180 -41.83 -11.04 5.49
N VAL B 181 -41.66 -11.36 4.20
CA VAL B 181 -40.90 -10.52 3.28
C VAL B 181 -41.85 -9.92 2.24
N ILE B 182 -42.00 -8.60 2.32
CA ILE B 182 -42.86 -7.80 1.45
C ILE B 182 -42.00 -7.26 0.32
N VAL B 183 -42.44 -7.41 -0.92
CA VAL B 183 -41.67 -6.92 -2.07
C VAL B 183 -42.47 -5.83 -2.78
N GLY B 184 -41.85 -4.66 -2.98
CA GLY B 184 -42.47 -3.59 -3.74
C GLY B 184 -41.56 -3.08 -4.83
N ASP B 185 -41.95 -1.98 -5.47
CA ASP B 185 -41.18 -1.42 -6.58
C ASP B 185 -40.00 -0.68 -5.98
N GLY B 186 -38.79 -1.21 -6.18
CA GLY B 186 -37.63 -0.57 -5.60
C GLY B 186 -37.65 -0.55 -4.10
N GLU B 187 -38.44 -1.42 -3.49
CA GLU B 187 -38.56 -1.48 -2.03
C GLU B 187 -38.80 -2.92 -1.60
N ILE B 188 -38.09 -3.38 -0.57
CA ILE B 188 -38.24 -4.72 -0.02
C ILE B 188 -38.30 -4.58 1.48
N GLN B 189 -39.22 -5.29 2.13
CA GLN B 189 -39.33 -5.23 3.57
C GLN B 189 -39.28 -6.63 4.17
N ALA B 190 -38.53 -6.75 5.27
CA ALA B 190 -38.42 -7.99 6.02
C ALA B 190 -38.91 -7.72 7.45
N LEU B 191 -40.10 -8.25 7.75
CA LEU B 191 -40.82 -7.99 9.00
C LEU B 191 -40.73 -9.20 9.91
N MET B 192 -40.53 -8.94 11.21
CA MET B 192 -40.58 -9.96 12.24
C MET B 192 -41.28 -9.48 13.50
N LYS B 193 -42.28 -10.26 13.89
CA LYS B 193 -42.92 -10.14 15.18
C LYS B 193 -42.47 -11.35 15.99
N ILE B 194 -42.10 -11.11 17.24
CA ILE B 194 -41.75 -12.19 18.16
C ILE B 194 -42.84 -12.15 19.23
N PRO B 195 -43.97 -12.86 19.02
CA PRO B 195 -45.07 -12.76 19.99
C PRO B 195 -44.69 -13.45 21.28
N GLY B 196 -44.37 -12.67 22.32
CA GLY B 196 -44.09 -13.24 23.62
C GLY B 196 -42.74 -13.92 23.67
N GLY B 197 -42.41 -14.66 22.62
CA GLY B 197 -41.12 -15.31 22.50
C GLY B 197 -40.98 -16.57 23.34
N THR B 198 -39.78 -17.15 23.25
CA THR B 198 -39.35 -18.30 24.04
C THR B 198 -37.96 -18.00 24.59
N PRO B 199 -36.95 -17.60 23.74
CA PRO B 199 -35.73 -16.99 24.32
C PRO B 199 -36.02 -15.68 25.05
N SER B 200 -35.80 -14.52 24.43
CA SER B 200 -36.19 -13.24 25.04
C SER B 200 -36.81 -12.25 24.06
N VAL B 201 -37.86 -11.60 24.54
CA VAL B 201 -38.52 -10.48 23.87
C VAL B 201 -38.18 -9.14 24.51
N LEU B 202 -37.43 -9.14 25.61
CA LEU B 202 -37.04 -7.90 26.27
C LEU B 202 -35.62 -7.58 25.81
N MET B 203 -35.43 -6.42 25.25
CA MET B 203 -34.09 -5.96 24.94
C MET B 203 -33.58 -5.14 26.12
N ALA B 204 -32.25 -5.14 26.29
CA ALA B 204 -31.66 -4.54 27.49
C ALA B 204 -32.02 -3.06 27.63
N LYS B 205 -31.94 -2.32 26.53
CA LYS B 205 -32.25 -0.90 26.60
C LYS B 205 -33.75 -0.63 26.72
N PHE B 206 -34.56 -1.48 26.11
CA PHE B 206 -35.99 -1.26 26.09
C PHE B 206 -36.68 -1.65 27.39
N LEU B 207 -36.09 -2.60 28.14
CA LEU B 207 -36.83 -3.27 29.22
C LEU B 207 -37.36 -2.27 30.24
N ARG B 208 -36.71 -1.12 30.39
CA ARG B 208 -37.13 -0.12 31.35
C ARG B 208 -38.29 0.74 30.87
N GLY B 209 -39.33 0.10 30.33
CA GLY B 209 -40.58 0.75 29.95
C GLY B 209 -41.72 0.12 30.72
N ALA B 210 -42.41 -0.85 30.11
CA ALA B 210 -43.43 -1.63 30.81
C ALA B 210 -42.80 -2.94 31.32
N ASN B 211 -43.57 -3.74 32.08
CA ASN B 211 -43.00 -4.98 32.64
C ASN B 211 -43.82 -6.27 32.44
N THR B 212 -45.16 -6.21 32.39
CA THR B 212 -46.00 -7.40 32.21
C THR B 212 -45.73 -7.99 30.80
N PRO B 213 -45.94 -9.34 30.57
CA PRO B 213 -45.44 -9.99 29.33
C PRO B 213 -45.49 -9.20 28.02
N VAL B 214 -44.44 -9.36 27.21
CA VAL B 214 -44.13 -8.42 26.14
C VAL B 214 -43.90 -9.09 24.78
N ASP B 215 -44.20 -8.34 23.72
CA ASP B 215 -43.93 -8.65 22.33
C ASP B 215 -42.77 -7.79 21.83
N ALA B 216 -42.05 -8.30 20.84
CA ALA B 216 -40.94 -7.57 20.26
C ALA B 216 -41.07 -7.59 18.73
N TRP B 217 -40.58 -6.53 18.09
CA TRP B 217 -40.58 -6.43 16.64
C TRP B 217 -39.20 -6.07 16.14
N ASN B 218 -38.87 -6.57 14.94
CA ASN B 218 -37.56 -6.31 14.30
C ASN B 218 -37.78 -6.32 12.79
N ASP B 219 -38.27 -5.21 12.24
CA ASP B 219 -38.50 -5.08 10.81
C ASP B 219 -37.36 -4.28 10.18
N ILE B 220 -37.17 -4.48 8.88
CA ILE B 220 -36.23 -3.62 8.17
C ILE B 220 -36.69 -3.39 6.74
N ARG B 221 -36.56 -2.14 6.30
CA ARG B 221 -36.97 -1.71 4.97
C ARG B 221 -35.73 -1.33 4.16
N TRP B 222 -35.68 -1.82 2.93
CA TRP B 222 -34.65 -1.47 1.97
C TRP B 222 -35.25 -0.70 0.80
N ASN B 223 -34.65 0.43 0.49
CA ASN B 223 -35.00 1.20 -0.69
C ASN B 223 -33.84 1.27 -1.66
N LYS B 224 -34.21 1.46 -2.93
CA LYS B 224 -33.37 1.19 -4.08
C LYS B 224 -31.92 1.60 -3.89
N VAL B 225 -31.07 0.65 -4.24
CA VAL B 225 -29.62 0.53 -4.14
C VAL B 225 -29.20 0.27 -2.70
N SER B 226 -29.22 1.26 -1.82
CA SER B 226 -28.69 0.86 -0.51
C SER B 226 -29.05 1.74 0.70
N ALA B 227 -30.30 2.18 0.79
CA ALA B 227 -30.80 2.93 1.95
C ALA B 227 -31.81 2.09 2.72
N MET B 228 -31.55 1.91 4.01
CA MET B 228 -32.34 0.98 4.83
C MET B 228 -32.80 1.64 6.13
N LEU B 229 -34.01 1.28 6.56
CA LEU B 229 -34.58 1.84 7.78
C LEU B 229 -35.24 0.71 8.55
N ASN B 230 -34.73 0.42 9.74
CA ASN B 230 -35.24 -0.69 10.50
C ASN B 230 -36.17 -0.20 11.61
N PHE B 231 -36.83 -1.16 12.25
CA PHE B 231 -37.81 -0.89 13.28
C PHE B 231 -37.57 -1.88 14.40
N ILE B 232 -37.09 -1.39 15.53
CA ILE B 232 -36.85 -2.19 16.73
C ILE B 232 -37.88 -1.78 17.76
N ALA B 233 -38.72 -2.72 18.20
CA ALA B 233 -39.83 -2.35 19.07
C ALA B 233 -40.02 -3.40 20.17
N VAL B 234 -40.53 -2.90 21.29
CA VAL B 234 -40.89 -3.68 22.46
C VAL B 234 -42.15 -3.04 23.04
N ALA B 235 -43.14 -3.85 23.39
CA ALA B 235 -44.40 -3.34 23.90
C ALA B 235 -45.08 -4.42 24.72
N PRO B 236 -45.84 -4.06 25.76
CA PRO B 236 -46.52 -5.08 26.56
C PRO B 236 -47.65 -5.78 25.79
N GLU B 237 -47.84 -7.05 26.13
CA GLU B 237 -49.06 -7.82 25.82
C GLU B 237 -49.37 -7.92 24.34
N GLY B 238 -50.31 -7.12 23.86
CA GLY B 238 -50.59 -7.03 22.44
C GLY B 238 -51.08 -5.64 22.09
N THR B 239 -50.20 -4.68 22.15
CA THR B 239 -50.60 -3.31 21.89
C THR B 239 -50.27 -2.94 20.46
N PRO B 240 -50.90 -1.88 19.93
CA PRO B 240 -50.65 -1.48 18.54
C PRO B 240 -49.16 -1.34 18.23
N LYS B 241 -48.77 -1.85 17.06
CA LYS B 241 -47.39 -1.78 16.63
C LYS B 241 -46.91 -0.32 16.62
N GLU B 242 -47.77 0.62 16.19
CA GLU B 242 -47.38 2.03 16.15
C GLU B 242 -47.44 2.70 17.53
N GLN B 243 -48.02 2.04 18.52
CA GLN B 243 -48.04 2.55 19.88
C GLN B 243 -46.96 1.90 20.74
N SER B 244 -45.99 1.22 20.14
CA SER B 244 -44.98 0.56 20.95
C SER B 244 -43.88 1.54 21.29
N ILE B 245 -42.98 1.11 22.15
CA ILE B 245 -41.75 1.83 22.43
C ILE B 245 -40.71 1.32 21.46
N HIS B 246 -40.21 2.19 20.60
CA HIS B 246 -39.47 1.72 19.42
C HIS B 246 -38.40 2.73 19.00
N SER B 247 -37.54 2.27 18.10
CA SER B 247 -36.53 3.09 17.44
C SER B 247 -36.48 2.72 15.97
N ARG B 248 -36.46 3.75 15.12
CA ARG B 248 -36.28 3.59 13.68
C ARG B 248 -34.82 3.94 13.39
N GLY B 249 -34.08 2.92 12.99
CA GLY B 249 -32.66 3.06 12.75
C GLY B 249 -32.36 3.37 11.29
N THR B 250 -31.56 4.41 11.08
CA THR B 250 -31.04 4.77 9.77
C THR B 250 -29.81 3.94 9.45
N HIS B 251 -29.84 3.20 8.33
CA HIS B 251 -28.69 2.39 7.89
C HIS B 251 -28.51 2.54 6.37
N ILE B 252 -27.72 3.52 5.95
CA ILE B 252 -27.59 3.85 4.53
C ILE B 252 -26.14 3.64 4.09
N LEU B 253 -25.95 2.94 3.00
CA LEU B 253 -24.60 2.68 2.51
C LEU B 253 -24.40 3.35 1.17
N THR B 254 -23.20 3.90 0.98
CA THR B 254 -22.85 4.57 -0.27
C THR B 254 -21.46 4.09 -0.70
N PRO B 255 -21.35 3.50 -1.88
CA PRO B 255 -20.06 3.04 -2.37
C PRO B 255 -19.04 4.15 -2.51
N GLU B 256 -17.82 3.85 -2.07
CA GLU B 256 -16.67 4.71 -2.25
C GLU B 256 -15.83 4.24 -3.43
N THR B 257 -15.26 3.04 -3.32
CA THR B 257 -14.58 2.36 -4.39
C THR B 257 -15.21 1.01 -4.54
N GLU B 258 -14.67 0.21 -5.45
CA GLU B 258 -15.15 -1.15 -5.66
C GLU B 258 -15.22 -1.94 -4.35
N ALA B 259 -14.31 -1.67 -3.43
CA ALA B 259 -14.09 -2.48 -2.24
C ALA B 259 -14.10 -1.66 -0.95
N SER B 260 -14.76 -0.52 -0.95
CA SER B 260 -14.91 0.26 0.27
C SER B 260 -16.21 1.05 0.15
N CYS B 261 -16.71 1.53 1.29
CA CYS B 261 -17.99 2.23 1.27
C CYS B 261 -18.16 3.11 2.51
N HIS B 262 -19.17 3.97 2.43
CA HIS B 262 -19.53 4.80 3.56
C HIS B 262 -20.76 4.23 4.21
N TYR B 263 -20.78 4.31 5.54
CA TYR B 263 -21.86 3.83 6.36
C TYR B 263 -22.42 5.04 7.14
N PHE B 264 -23.69 5.33 6.90
CA PHE B 264 -24.41 6.35 7.63
C PHE B 264 -25.43 5.65 8.52
N PHE B 265 -25.25 5.77 9.84
CA PHE B 265 -26.08 5.08 10.82
C PHE B 265 -26.73 6.08 11.75
N GLY B 266 -27.92 5.75 12.21
CA GLY B 266 -28.65 6.64 13.07
C GLY B 266 -29.79 5.94 13.77
N SER B 267 -30.30 6.61 14.80
CA SER B 267 -31.37 6.09 15.64
C SER B 267 -32.42 7.16 15.81
N SER B 268 -33.66 6.85 15.49
CA SER B 268 -34.77 7.77 15.72
C SER B 268 -35.77 7.10 16.66
N ARG B 269 -35.70 7.44 17.95
CA ARG B 269 -36.46 6.77 18.99
C ARG B 269 -37.59 7.66 19.51
N ASN B 270 -38.64 7.00 20.00
CA ASN B 270 -39.83 7.65 20.54
C ASN B 270 -39.88 7.60 22.07
N PHE B 271 -38.79 7.22 22.71
CA PHE B 271 -38.75 7.06 24.14
C PHE B 271 -37.54 7.76 24.72
N GLY B 272 -37.70 8.36 25.88
CA GLY B 272 -36.58 9.05 26.52
C GLY B 272 -36.03 10.16 25.67
N ILE B 273 -36.94 11.00 25.13
CA ILE B 273 -36.54 12.04 24.19
C ILE B 273 -35.51 12.97 24.81
N ASP B 274 -35.74 13.43 26.03
CA ASP B 274 -34.85 14.43 26.65
C ASP B 274 -33.87 13.81 27.62
N ASP B 275 -33.36 12.62 27.31
CA ASP B 275 -32.44 11.90 28.19
C ASP B 275 -31.04 11.98 27.59
N PRO B 276 -30.16 12.87 28.08
CA PRO B 276 -28.80 12.91 27.53
C PRO B 276 -27.97 11.67 27.88
N GLU B 277 -28.27 10.99 28.99
CA GLU B 277 -27.65 9.70 29.23
C GLU B 277 -28.06 8.69 28.16
N MET B 278 -29.34 8.71 27.75
CA MET B 278 -29.81 7.80 26.71
C MET B 278 -29.11 8.08 25.39
N ASP B 279 -28.81 9.35 25.10
CA ASP B 279 -28.06 9.67 23.90
C ASP B 279 -26.69 9.01 23.91
N GLY B 280 -26.08 8.90 25.09
CA GLY B 280 -24.75 8.32 25.17
C GLY B 280 -24.70 6.86 24.76
N VAL B 281 -25.60 6.04 25.30
CA VAL B 281 -25.53 4.60 25.06
C VAL B 281 -25.90 4.27 23.62
N LEU B 282 -26.79 5.05 23.00
CA LEU B 282 -27.06 4.83 21.58
C LEU B 282 -25.99 5.43 20.69
N ARG B 283 -25.13 6.31 21.18
CA ARG B 283 -24.00 6.74 20.38
C ARG B 283 -22.81 5.82 20.52
N SER B 284 -22.89 4.84 21.43
CA SER B 284 -22.05 3.65 21.40
C SER B 284 -22.73 2.68 20.44
N TRP B 285 -23.13 3.24 19.30
CA TRP B 285 -23.97 2.59 18.30
C TRP B 285 -23.22 1.50 17.55
N GLN B 286 -22.51 0.66 18.30
CA GLN B 286 -22.07 -0.63 17.78
C GLN B 286 -23.17 -1.68 17.90
N ALA B 287 -24.27 -1.36 18.63
CA ALA B 287 -25.32 -2.32 18.99
C ALA B 287 -26.40 -2.51 17.92
N GLN B 288 -26.80 -1.44 17.20
CA GLN B 288 -27.83 -1.55 16.16
C GLN B 288 -27.25 -1.65 14.75
N ALA B 289 -26.36 -0.71 14.41
CA ALA B 289 -25.60 -0.75 13.17
C ALA B 289 -24.19 -1.25 13.48
N LEU B 290 -24.15 -2.53 13.85
CA LEU B 290 -22.95 -3.18 14.37
C LEU B 290 -21.74 -2.69 13.56
N VAL B 291 -20.74 -2.15 14.25
CA VAL B 291 -19.71 -1.43 13.50
C VAL B 291 -18.32 -1.74 14.04
N LYS B 292 -18.22 -2.58 15.06
CA LYS B 292 -16.92 -3.02 15.52
C LYS B 292 -16.68 -4.50 15.26
N GLU B 293 -17.56 -5.39 15.74
CA GLU B 293 -17.42 -6.79 15.36
C GLU B 293 -17.92 -6.99 13.94
N ASP B 294 -18.81 -6.11 13.51
CA ASP B 294 -19.48 -6.21 12.23
C ASP B 294 -18.62 -5.64 11.10
N LYS B 295 -17.84 -4.60 11.39
CA LYS B 295 -16.82 -4.16 10.46
C LYS B 295 -15.79 -5.27 10.18
N VAL B 296 -15.51 -6.11 11.18
CA VAL B 296 -14.49 -7.15 11.05
C VAL B 296 -14.92 -8.28 10.10
N VAL B 297 -16.20 -8.67 10.12
CA VAL B 297 -16.68 -9.75 9.25
C VAL B 297 -16.70 -9.33 7.78
N VAL B 298 -17.24 -8.13 7.49
CA VAL B 298 -17.38 -7.71 6.11
C VAL B 298 -16.02 -7.42 5.48
N GLU B 299 -15.10 -6.79 6.23
CA GLU B 299 -13.77 -6.56 5.67
C GLU B 299 -13.02 -7.88 5.45
N ALA B 300 -13.24 -8.87 6.31
CA ALA B 300 -12.65 -10.19 6.13
C ALA B 300 -13.33 -10.93 4.97
N ILE B 301 -14.65 -10.80 4.84
CA ILE B 301 -15.30 -11.37 3.67
C ILE B 301 -14.73 -10.74 2.41
N GLU B 302 -14.49 -9.42 2.45
CA GLU B 302 -13.96 -8.73 1.27
C GLU B 302 -12.57 -9.24 0.91
N ARG B 303 -11.70 -9.42 1.92
CA ARG B 303 -10.36 -9.91 1.65
C ARG B 303 -10.36 -11.30 1.05
N ARG B 304 -11.43 -12.07 1.19
CA ARG B 304 -11.52 -13.38 0.56
C ARG B 304 -12.14 -13.35 -0.82
N ARG B 305 -12.50 -12.18 -1.35
CA ARG B 305 -13.20 -12.14 -2.62
C ARG B 305 -12.34 -12.72 -3.74
N ALA B 306 -11.03 -12.40 -3.73
CA ALA B 306 -10.17 -12.89 -4.81
C ALA B 306 -10.13 -14.41 -4.84
N TYR B 307 -10.05 -15.04 -3.66
CA TYR B 307 -10.08 -16.51 -3.65
C TYR B 307 -11.41 -17.04 -4.12
N VAL B 308 -12.53 -16.56 -3.55
CA VAL B 308 -13.82 -17.16 -3.90
C VAL B 308 -14.18 -16.89 -5.36
N GLU B 309 -13.71 -15.78 -5.94
CA GLU B 309 -13.96 -15.55 -7.36
C GLU B 309 -13.04 -16.39 -8.24
N ALA B 310 -11.79 -16.56 -7.79
CA ALA B 310 -10.83 -17.33 -8.59
C ALA B 310 -11.28 -18.77 -8.74
N ASN B 311 -11.79 -19.38 -7.68
CA ASN B 311 -12.46 -20.68 -7.78
C ASN B 311 -13.95 -20.44 -8.06
N GLY B 312 -14.72 -21.50 -8.25
CA GLY B 312 -16.11 -21.27 -8.64
C GLY B 312 -17.07 -21.19 -7.47
N ILE B 313 -16.68 -20.50 -6.41
CA ILE B 313 -17.27 -20.67 -5.09
C ILE B 313 -18.47 -19.73 -4.96
N ARG B 314 -19.66 -20.30 -4.79
CA ARG B 314 -20.88 -19.53 -4.60
C ARG B 314 -21.42 -19.71 -3.19
N PRO B 315 -22.10 -18.71 -2.64
CA PRO B 315 -22.62 -18.83 -1.28
C PRO B 315 -23.72 -19.87 -1.23
N ALA B 316 -23.84 -20.52 -0.09
CA ALA B 316 -24.89 -21.49 0.12
C ALA B 316 -25.95 -20.80 0.94
N MET B 317 -27.14 -20.62 0.37
CA MET B 317 -28.17 -19.84 1.05
C MET B 317 -28.99 -20.72 1.98
N LEU B 318 -29.46 -20.12 3.08
CA LEU B 318 -30.22 -20.74 4.15
C LEU B 318 -31.66 -20.19 4.18
N SER B 319 -32.40 -20.53 5.25
CA SER B 319 -33.73 -19.98 5.46
C SER B 319 -33.72 -18.50 5.82
N CYS B 320 -32.68 -18.04 6.55
CA CYS B 320 -32.61 -16.67 7.02
C CYS B 320 -32.16 -15.67 5.93
N ASP B 321 -32.06 -16.10 4.67
CA ASP B 321 -31.48 -15.27 3.63
C ASP B 321 -32.46 -14.77 2.58
N GLU B 322 -33.76 -15.03 2.72
CA GLU B 322 -34.65 -14.65 1.62
C GLU B 322 -34.62 -13.14 1.38
N ALA B 323 -34.63 -12.35 2.46
CA ALA B 323 -34.61 -10.90 2.28
C ALA B 323 -33.31 -10.48 1.61
N ALA B 324 -32.17 -10.98 2.12
CA ALA B 324 -30.88 -10.55 1.60
C ALA B 324 -30.72 -10.91 0.13
N VAL B 325 -31.20 -12.10 -0.26
CA VAL B 325 -31.06 -12.56 -1.63
C VAL B 325 -31.90 -11.72 -2.57
N ARG B 326 -33.11 -11.33 -2.16
CA ARG B 326 -33.90 -10.53 -3.09
C ARG B 326 -33.27 -9.16 -3.27
N VAL B 327 -32.84 -8.53 -2.17
CA VAL B 327 -32.18 -7.23 -2.30
C VAL B 327 -30.90 -7.33 -3.13
N SER B 328 -30.14 -8.41 -2.96
CA SER B 328 -28.90 -8.57 -3.72
C SER B 328 -29.16 -8.67 -5.21
N ARG B 329 -30.17 -9.43 -5.61
CA ARG B 329 -30.43 -9.59 -7.04
C ARG B 329 -31.04 -8.32 -7.65
N GLU B 330 -31.83 -7.55 -6.89
CA GLU B 330 -32.30 -6.26 -7.39
C GLU B 330 -31.16 -5.28 -7.55
N ILE B 331 -30.20 -5.28 -6.63
CA ILE B 331 -29.00 -4.48 -6.85
C ILE B 331 -28.28 -4.94 -8.11
N GLU B 332 -28.21 -6.26 -8.32
CA GLU B 332 -27.53 -6.81 -9.50
C GLU B 332 -28.21 -6.43 -10.82
N LYS B 333 -29.55 -6.58 -10.88
CA LYS B 333 -30.30 -6.19 -12.08
C LYS B 333 -30.08 -4.73 -12.45
N LEU B 334 -30.08 -3.84 -11.45
CA LEU B 334 -29.86 -2.42 -11.75
C LEU B 334 -28.46 -2.18 -12.30
N GLU B 335 -27.46 -2.92 -11.80
CA GLU B 335 -26.10 -2.77 -12.32
C GLU B 335 -26.00 -3.14 -13.79
N GLN B 336 -26.73 -4.18 -14.20
CA GLN B 336 -26.72 -4.60 -15.59
C GLN B 336 -27.43 -3.57 -16.48
N LEU B 337 -28.52 -2.99 -16.00
CA LEU B 337 -29.22 -1.96 -16.78
C LEU B 337 -28.28 -0.84 -17.19
N GLU B 338 -27.45 -0.37 -16.26
CA GLU B 338 -26.52 0.70 -16.59
C GLU B 338 -25.36 0.22 -17.43
N ALA B 339 -24.79 -0.94 -17.12
CA ALA B 339 -23.77 -1.49 -18.00
C ALA B 339 -24.34 -1.72 -19.39
N ALA B 340 -25.64 -2.02 -19.48
CA ALA B 340 -26.29 -2.22 -20.76
C ALA B 340 -26.42 -0.93 -21.56
N ARG B 341 -26.77 0.19 -20.90
CA ARG B 341 -26.95 1.43 -21.65
C ARG B 341 -25.68 1.79 -22.41
N LEU B 342 -24.54 1.76 -21.74
CA LEU B 342 -23.27 1.99 -22.40
C LEU B 342 -22.74 0.67 -22.96
N ALA C 2 -0.39 -17.41 -9.39
CA ALA C 2 0.92 -18.01 -9.10
C ALA C 2 0.99 -19.47 -9.55
N THR C 3 2.22 -19.99 -9.62
CA THR C 3 2.48 -21.38 -9.99
C THR C 3 3.05 -22.04 -8.74
N PHE C 4 2.24 -22.88 -8.08
CA PHE C 4 2.67 -23.56 -6.86
C PHE C 4 2.55 -25.05 -7.06
N VAL C 5 3.28 -25.80 -6.23
CA VAL C 5 3.24 -27.25 -6.26
C VAL C 5 2.33 -27.68 -5.11
N ARG C 6 1.10 -28.05 -5.45
CA ARG C 6 0.05 -28.27 -4.46
C ARG C 6 0.03 -29.68 -3.90
N ASN C 7 0.38 -30.69 -4.69
CA ASN C 7 0.31 -32.08 -4.24
C ASN C 7 1.59 -32.47 -3.51
N ALA C 8 1.75 -31.88 -2.34
CA ALA C 8 2.95 -32.05 -1.57
C ALA C 8 2.66 -31.57 -0.16
N TRP C 9 3.46 -32.08 0.78
CA TRP C 9 3.35 -31.71 2.16
C TRP C 9 4.16 -30.45 2.42
N TYR C 10 3.56 -29.54 3.15
CA TYR C 10 4.14 -28.30 3.61
C TYR C 10 3.82 -28.14 5.10
N VAL C 11 4.74 -27.49 5.82
CA VAL C 11 4.43 -27.11 7.18
C VAL C 11 3.47 -25.94 7.17
N ALA C 12 2.38 -26.06 7.93
CA ALA C 12 1.49 -24.93 8.09
C ALA C 12 1.66 -24.25 9.43
N ALA C 13 2.24 -24.92 10.42
CA ALA C 13 2.48 -24.29 11.70
C ALA C 13 3.41 -25.16 12.53
N LEU C 14 3.88 -24.59 13.62
CA LEU C 14 4.51 -25.38 14.67
C LEU C 14 3.46 -25.78 15.70
N PRO C 15 3.55 -26.97 16.28
CA PRO C 15 2.47 -27.42 17.19
C PRO C 15 2.15 -26.48 18.33
N GLU C 16 3.14 -25.76 18.87
CA GLU C 16 2.83 -24.88 19.99
C GLU C 16 1.97 -23.69 19.59
N GLU C 17 1.96 -23.33 18.31
CA GLU C 17 1.14 -22.22 17.81
C GLU C 17 -0.34 -22.55 17.77
N LEU C 18 -0.70 -23.81 17.79
CA LEU C 18 -2.10 -24.16 17.63
C LEU C 18 -2.73 -24.31 19.01
N SER C 19 -4.03 -24.10 19.09
CA SER C 19 -4.74 -24.22 20.34
C SER C 19 -6.22 -24.44 20.02
N GLU C 20 -7.07 -24.20 21.02
CA GLU C 20 -8.51 -24.22 20.79
C GLU C 20 -9.01 -22.93 20.19
N LYS C 21 -8.19 -21.89 20.25
CA LYS C 21 -8.43 -20.66 19.52
C LYS C 21 -7.81 -20.84 18.15
N PRO C 22 -8.56 -20.81 17.07
CA PRO C 22 -7.97 -21.07 15.74
C PRO C 22 -6.97 -20.00 15.33
N LEU C 23 -6.04 -20.43 14.46
CA LEU C 23 -5.04 -19.57 13.83
C LEU C 23 -5.33 -19.44 12.34
N GLY C 24 -5.43 -18.19 11.85
CA GLY C 24 -5.58 -17.96 10.43
C GLY C 24 -4.21 -17.84 9.79
N ARG C 25 -3.92 -18.69 8.79
CA ARG C 25 -2.64 -18.65 8.10
C ARG C 25 -2.88 -19.00 6.64
N THR C 26 -2.19 -18.29 5.75
CA THR C 26 -2.34 -18.51 4.31
C THR C 26 -1.19 -19.35 3.79
N ILE C 27 -1.55 -20.46 3.14
CA ILE C 27 -0.64 -21.46 2.62
C ILE C 27 -0.97 -21.54 1.15
N LEU C 28 0.04 -21.29 0.32
CA LEU C 28 -0.08 -21.35 -1.13
C LEU C 28 -1.33 -20.63 -1.60
N ASP C 29 -1.47 -19.37 -1.18
CA ASP C 29 -2.61 -18.54 -1.52
C ASP C 29 -3.95 -19.14 -1.08
N THR C 30 -3.93 -20.02 -0.08
CA THR C 30 -5.17 -20.64 0.41
C THR C 30 -5.35 -20.32 1.88
N PRO C 31 -6.39 -19.56 2.25
CA PRO C 31 -6.57 -19.21 3.66
C PRO C 31 -7.11 -20.41 4.43
N LEU C 32 -6.37 -20.81 5.43
CA LEU C 32 -6.76 -21.96 6.23
C LEU C 32 -7.10 -21.45 7.61
N ALA C 33 -7.99 -22.19 8.28
CA ALA C 33 -8.22 -22.05 9.70
C ALA C 33 -7.67 -23.34 10.32
N LEU C 34 -6.61 -23.18 11.10
CA LEU C 34 -5.87 -24.24 11.76
C LEU C 34 -6.18 -24.18 13.24
N TYR C 35 -6.73 -25.26 13.78
CA TYR C 35 -7.00 -25.34 15.19
C TYR C 35 -6.75 -26.77 15.65
N ARG C 36 -6.68 -26.93 16.98
CA ARG C 36 -6.48 -28.22 17.63
C ARG C 36 -7.76 -28.61 18.36
N GLN C 37 -8.30 -29.79 18.06
CA GLN C 37 -9.59 -30.20 18.63
C GLN C 37 -9.43 -30.56 20.10
N PRO C 38 -10.54 -30.60 20.85
CA PRO C 38 -10.43 -30.94 22.27
C PRO C 38 -9.78 -32.29 22.51
N ASP C 39 -9.88 -33.22 21.54
CA ASP C 39 -9.15 -34.48 21.65
C ASP C 39 -7.73 -34.39 21.09
N GLY C 40 -7.21 -33.18 20.87
CA GLY C 40 -5.86 -32.90 20.42
C GLY C 40 -5.56 -32.99 18.93
N VAL C 41 -6.52 -33.42 18.10
CA VAL C 41 -6.24 -33.63 16.68
C VAL C 41 -6.40 -32.31 15.90
N VAL C 42 -5.44 -32.02 15.04
CA VAL C 42 -5.36 -30.74 14.34
C VAL C 42 -6.24 -30.77 13.10
N ALA C 43 -7.04 -29.75 12.90
CA ALA C 43 -7.87 -29.64 11.71
C ALA C 43 -7.42 -28.43 10.91
N ALA C 44 -7.73 -28.48 9.62
CA ALA C 44 -7.36 -27.40 8.70
C ALA C 44 -8.55 -27.23 7.76
N LEU C 45 -9.36 -26.22 8.03
CA LEU C 45 -10.53 -25.95 7.20
C LEU C 45 -10.26 -24.74 6.33
N LEU C 46 -10.82 -24.75 5.12
CA LEU C 46 -10.74 -23.57 4.26
C LEU C 46 -11.36 -22.38 4.98
N ASP C 47 -10.58 -21.32 5.17
CA ASP C 47 -11.03 -20.23 6.03
C ASP C 47 -12.10 -19.37 5.36
N ILE C 48 -13.06 -20.02 4.71
CA ILE C 48 -14.12 -19.33 3.99
C ILE C 48 -15.43 -20.09 4.20
N CYS C 49 -16.27 -19.59 5.10
CA CYS C 49 -17.49 -20.29 5.45
C CYS C 49 -18.34 -20.50 4.19
N PRO C 50 -18.89 -21.69 3.99
CA PRO C 50 -19.63 -21.96 2.74
C PRO C 50 -20.87 -21.13 2.57
N HIS C 51 -21.40 -20.57 3.66
CA HIS C 51 -22.59 -19.76 3.61
C HIS C 51 -22.32 -18.44 2.93
N ARG C 52 -21.73 -17.50 3.66
CA ARG C 52 -21.45 -16.16 3.14
C ARG C 52 -20.01 -15.74 3.35
N PHE C 53 -19.10 -16.72 3.51
CA PHE C 53 -17.66 -16.57 3.40
C PHE C 53 -17.00 -15.88 4.59
N ALA C 54 -17.61 -15.87 5.77
CA ALA C 54 -16.94 -15.25 6.89
C ALA C 54 -15.70 -16.05 7.25
N PRO C 55 -14.71 -15.43 7.91
CA PRO C 55 -13.50 -16.17 8.31
C PRO C 55 -13.75 -17.07 9.51
N LEU C 56 -13.73 -18.39 9.29
CA LEU C 56 -13.87 -19.34 10.39
C LEU C 56 -12.81 -19.14 11.46
N SER C 57 -11.60 -18.74 11.08
CA SER C 57 -10.54 -18.60 12.05
C SER C 57 -10.83 -17.57 13.12
N ASP C 58 -11.87 -16.73 12.95
CA ASP C 58 -12.28 -15.78 13.98
C ASP C 58 -13.34 -16.33 14.92
N GLY C 59 -13.70 -17.60 14.81
CA GLY C 59 -14.66 -18.20 15.68
C GLY C 59 -14.01 -18.89 16.85
N ILE C 60 -14.84 -19.62 17.61
CA ILE C 60 -14.39 -20.46 18.71
C ILE C 60 -14.96 -21.85 18.50
N LEU C 61 -14.45 -22.79 19.29
CA LEU C 61 -14.99 -24.14 19.27
C LEU C 61 -16.21 -24.20 20.18
N VAL C 62 -17.23 -24.90 19.70
CA VAL C 62 -18.45 -25.12 20.46
C VAL C 62 -18.72 -26.61 20.38
N ASN C 63 -18.60 -27.29 21.52
CA ASN C 63 -18.60 -28.76 21.59
C ASN C 63 -17.59 -29.35 20.61
N GLY C 64 -16.37 -28.79 20.62
CA GLY C 64 -15.31 -29.28 19.75
C GLY C 64 -15.50 -28.97 18.28
N HIS C 65 -16.58 -28.30 17.93
CA HIS C 65 -16.88 -27.93 16.56
C HIS C 65 -16.49 -26.47 16.40
N LEU C 66 -15.87 -26.14 15.27
CA LEU C 66 -15.55 -24.75 14.98
C LEU C 66 -16.86 -24.07 14.56
N GLN C 67 -17.25 -23.04 15.30
CA GLN C 67 -18.49 -22.35 15.01
C GLN C 67 -18.17 -21.03 14.32
N CYS C 68 -18.77 -20.83 13.16
CA CYS C 68 -18.52 -19.63 12.38
C CYS C 68 -18.97 -18.40 13.17
N PRO C 69 -18.15 -17.33 13.24
CA PRO C 69 -18.50 -16.17 14.08
C PRO C 69 -19.59 -15.29 13.53
N TYR C 70 -19.98 -15.51 12.26
CA TYR C 70 -21.05 -14.73 11.65
C TYR C 70 -22.42 -15.28 12.09
N HIS C 71 -22.83 -16.46 11.58
CA HIS C 71 -24.19 -16.92 11.93
C HIS C 71 -24.26 -18.26 12.65
N GLY C 72 -23.15 -18.87 13.04
CA GLY C 72 -23.23 -20.00 13.95
C GLY C 72 -23.28 -21.40 13.34
N LEU C 73 -23.03 -21.55 12.04
CA LEU C 73 -22.82 -22.88 11.48
C LEU C 73 -21.62 -23.53 12.17
N GLU C 74 -21.68 -24.84 12.34
CA GLU C 74 -20.66 -25.55 13.08
C GLU C 74 -20.05 -26.65 12.24
N PHE C 75 -18.73 -26.80 12.38
CA PHE C 75 -17.94 -27.68 11.53
C PHE C 75 -17.03 -28.59 12.36
N ASP C 76 -16.84 -29.82 11.86
CA ASP C 76 -15.91 -30.78 12.42
C ASP C 76 -14.60 -30.77 11.64
N GLY C 77 -13.62 -31.53 12.15
CA GLY C 77 -12.31 -31.53 11.54
C GLY C 77 -12.31 -31.95 10.08
N GLY C 78 -13.33 -32.68 9.66
CA GLY C 78 -13.42 -33.12 8.29
C GLY C 78 -14.13 -32.19 7.35
N GLY C 79 -14.63 -31.05 7.85
CA GLY C 79 -15.35 -30.10 7.04
C GLY C 79 -16.83 -30.33 6.92
N GLN C 80 -17.37 -31.35 7.58
CA GLN C 80 -18.81 -31.58 7.50
C GLN C 80 -19.50 -30.63 8.46
N CYS C 81 -20.63 -30.08 8.02
CA CYS C 81 -21.43 -29.20 8.86
C CYS C 81 -22.21 -30.08 9.84
N VAL C 82 -22.02 -29.86 11.13
CA VAL C 82 -22.60 -30.75 12.13
C VAL C 82 -23.73 -30.09 12.89
N HIS C 83 -23.94 -28.78 12.73
CA HIS C 83 -25.05 -28.11 13.38
C HIS C 83 -25.41 -26.87 12.57
N ASN C 84 -26.69 -26.71 12.26
CA ASN C 84 -27.23 -25.53 11.57
C ASN C 84 -28.30 -24.89 12.43
N PRO C 85 -28.01 -23.77 13.07
CA PRO C 85 -28.97 -23.23 14.06
C PRO C 85 -30.11 -22.39 13.50
N HIS C 86 -30.51 -22.61 12.23
CA HIS C 86 -31.52 -21.81 11.55
C HIS C 86 -32.53 -22.73 10.86
N GLY C 87 -33.81 -22.35 10.97
CA GLY C 87 -34.86 -23.03 10.22
C GLY C 87 -34.96 -24.50 10.58
N ASN C 88 -35.18 -25.32 9.54
CA ASN C 88 -35.30 -26.76 9.72
C ASN C 88 -34.00 -27.41 10.20
N GLY C 89 -32.99 -26.59 10.55
CA GLY C 89 -31.69 -27.07 11.01
C GLY C 89 -30.92 -27.90 10.00
N ALA C 90 -31.47 -27.98 8.78
CA ALA C 90 -30.99 -28.90 7.74
C ALA C 90 -29.55 -28.59 7.34
N ARG C 91 -28.79 -29.65 7.04
CA ARG C 91 -27.39 -29.55 6.67
C ARG C 91 -27.16 -30.32 5.38
N PRO C 92 -27.59 -29.77 4.25
CA PRO C 92 -27.23 -30.36 2.96
C PRO C 92 -25.72 -30.32 2.74
N ALA C 93 -25.26 -31.06 1.73
CA ALA C 93 -23.83 -31.17 1.46
C ALA C 93 -23.19 -29.81 1.15
N SER C 94 -23.98 -28.89 0.59
CA SER C 94 -23.52 -27.54 0.26
C SER C 94 -23.13 -26.70 1.47
N LEU C 95 -23.41 -27.14 2.69
CA LEU C 95 -22.94 -26.46 3.90
C LEU C 95 -21.60 -26.99 4.41
N ASN C 96 -20.96 -27.92 3.70
CA ASN C 96 -19.64 -28.39 4.08
C ASN C 96 -18.53 -27.46 3.60
N VAL C 97 -17.55 -27.23 4.47
CA VAL C 97 -16.35 -26.47 4.14
C VAL C 97 -15.26 -27.44 3.74
N ARG C 98 -14.43 -27.05 2.77
CA ARG C 98 -13.29 -27.86 2.38
C ARG C 98 -12.35 -28.13 3.55
N SER C 99 -11.90 -29.37 3.64
CA SER C 99 -10.98 -29.84 4.67
C SER C 99 -9.67 -30.24 4.03
N PHE C 100 -8.57 -30.01 4.78
CA PHE C 100 -7.27 -30.39 4.25
C PHE C 100 -6.65 -31.50 5.08
N PRO C 101 -5.98 -32.43 4.41
CA PRO C 101 -5.18 -33.43 5.13
C PRO C 101 -4.10 -32.78 5.98
N VAL C 102 -4.05 -33.18 7.24
CA VAL C 102 -3.04 -32.70 8.16
C VAL C 102 -2.47 -33.90 8.94
N VAL C 103 -1.15 -33.95 9.04
CA VAL C 103 -0.42 -34.99 9.76
C VAL C 103 0.57 -34.31 10.70
N GLU C 104 0.41 -34.52 12.01
CA GLU C 104 1.37 -33.97 12.97
C GLU C 104 2.51 -34.99 13.20
N ARG C 105 3.72 -34.62 12.79
CA ARG C 105 4.85 -35.54 12.84
C ARG C 105 6.12 -34.72 13.00
N ASP C 106 7.03 -35.18 13.87
CA ASP C 106 8.31 -34.53 14.10
C ASP C 106 8.16 -33.09 14.61
N ALA C 107 7.25 -32.86 15.56
CA ALA C 107 6.99 -31.51 16.09
C ALA C 107 6.68 -30.51 14.96
N LEU C 108 5.96 -31.01 13.95
CA LEU C 108 5.58 -30.23 12.78
C LEU C 108 4.13 -30.52 12.43
N ILE C 109 3.45 -29.51 11.89
CA ILE C 109 2.09 -29.65 11.42
C ILE C 109 2.16 -29.62 9.89
N TRP C 110 2.04 -30.78 9.26
CA TRP C 110 2.11 -30.89 7.81
C TRP C 110 0.71 -30.89 7.22
N ILE C 111 0.60 -30.27 6.05
CA ILE C 111 -0.70 -30.09 5.39
C ILE C 111 -0.56 -30.48 3.95
N TRP C 112 -1.60 -31.09 3.38
CA TRP C 112 -1.61 -31.37 1.96
C TRP C 112 -2.60 -30.46 1.23
N PRO C 113 -2.13 -29.40 0.56
CA PRO C 113 -3.04 -28.47 -0.11
C PRO C 113 -3.55 -28.90 -1.48
N GLY C 114 -3.19 -30.05 -2.04
CA GLY C 114 -3.75 -30.42 -3.33
C GLY C 114 -4.93 -31.39 -3.20
N ASP C 115 -5.01 -32.33 -4.14
CA ASP C 115 -6.04 -33.35 -4.19
C ASP C 115 -5.96 -34.14 -2.90
N PRO C 116 -6.94 -34.03 -1.99
CA PRO C 116 -6.80 -34.68 -0.67
C PRO C 116 -6.77 -36.18 -0.73
N ALA C 117 -7.24 -36.80 -1.84
CA ALA C 117 -7.23 -38.25 -1.95
C ALA C 117 -5.82 -38.78 -2.21
N LEU C 118 -4.95 -37.94 -2.76
CA LEU C 118 -3.59 -38.34 -3.09
C LEU C 118 -2.61 -38.09 -1.97
N ALA C 119 -3.09 -37.57 -0.84
CA ALA C 119 -2.21 -37.25 0.28
C ALA C 119 -1.68 -38.55 0.88
N ASP C 120 -0.37 -38.70 0.81
CA ASP C 120 0.35 -39.93 1.18
C ASP C 120 1.39 -39.68 2.28
N PRO C 121 1.11 -40.06 3.55
CA PRO C 121 2.06 -39.81 4.64
C PRO C 121 3.45 -40.34 4.40
N GLY C 122 3.62 -41.24 3.44
CA GLY C 122 4.97 -41.68 3.15
C GLY C 122 5.84 -40.62 2.53
N ALA C 123 5.25 -39.55 2.01
CA ALA C 123 5.99 -38.48 1.36
C ALA C 123 6.40 -37.37 2.30
N ILE C 124 6.01 -37.42 3.55
CA ILE C 124 6.44 -36.38 4.48
C ILE C 124 7.94 -36.54 4.74
N PRO C 125 8.74 -35.50 4.56
CA PRO C 125 10.16 -35.59 4.86
C PRO C 125 10.45 -36.04 6.29
N ASP C 126 11.63 -36.63 6.46
CA ASP C 126 12.07 -37.25 7.71
C ASP C 126 12.80 -36.24 8.57
N PHE C 127 12.17 -35.82 9.67
CA PHE C 127 12.72 -34.88 10.65
C PHE C 127 12.67 -35.48 12.06
N GLY C 128 13.06 -36.75 12.20
CA GLY C 128 12.93 -37.43 13.48
C GLY C 128 13.74 -36.81 14.60
N CYS C 129 14.88 -36.19 14.26
CA CYS C 129 15.68 -35.53 15.29
C CYS C 129 14.89 -34.48 16.05
N ARG C 130 13.84 -33.93 15.46
CA ARG C 130 13.03 -32.95 16.17
C ARG C 130 12.25 -33.57 17.33
N VAL C 131 12.00 -34.89 17.32
CA VAL C 131 11.35 -35.57 18.43
C VAL C 131 12.29 -36.52 19.15
N ASP C 132 13.57 -36.53 18.77
CA ASP C 132 14.56 -37.45 19.32
C ASP C 132 15.01 -36.98 20.71
N PRO C 133 14.85 -37.79 21.77
CA PRO C 133 15.31 -37.35 23.10
C PRO C 133 16.79 -37.13 23.21
N ALA C 134 17.57 -37.64 22.25
CA ALA C 134 18.99 -37.37 22.24
C ALA C 134 19.30 -35.91 21.93
N TYR C 135 18.38 -35.21 21.29
CA TYR C 135 18.62 -33.87 20.82
C TYR C 135 17.78 -32.88 21.61
N ARG C 136 18.26 -31.65 21.67
CA ARG C 136 17.55 -30.56 22.30
C ARG C 136 17.07 -29.66 21.18
N THR C 137 15.76 -29.53 21.04
CA THR C 137 15.16 -28.87 19.89
C THR C 137 14.46 -27.59 20.34
N VAL C 138 14.90 -26.46 19.79
CA VAL C 138 14.27 -25.17 20.03
C VAL C 138 14.22 -24.42 18.70
N GLY C 139 13.23 -23.54 18.58
CA GLY C 139 13.10 -22.77 17.37
C GLY C 139 11.88 -21.88 17.40
N GLY C 140 11.48 -21.42 16.22
CA GLY C 140 10.35 -20.54 16.14
C GLY C 140 9.94 -20.29 14.72
N TYR C 141 9.18 -19.21 14.54
CA TYR C 141 8.52 -18.90 13.28
C TYR C 141 8.90 -17.52 12.78
N GLY C 142 8.96 -17.38 11.46
CA GLY C 142 9.20 -16.07 10.93
C GLY C 142 8.46 -15.89 9.62
N HIS C 143 7.91 -14.69 9.41
CA HIS C 143 7.25 -14.35 8.16
C HIS C 143 8.24 -13.55 7.33
N VAL C 144 8.30 -13.83 6.02
CA VAL C 144 9.23 -13.13 5.14
C VAL C 144 8.53 -12.67 3.88
N ASP C 145 8.85 -11.45 3.46
CA ASP C 145 8.30 -10.82 2.26
C ASP C 145 9.16 -11.10 1.03
N CYS C 146 9.25 -12.38 0.66
CA CYS C 146 9.94 -12.80 -0.56
C CYS C 146 9.34 -14.12 -0.98
N ASN C 147 9.42 -14.41 -2.29
CA ASN C 147 9.07 -15.73 -2.81
C ASN C 147 9.94 -16.79 -2.16
N TYR C 148 9.34 -17.95 -1.85
CA TYR C 148 10.03 -18.94 -1.04
C TYR C 148 11.34 -19.42 -1.65
N LYS C 149 11.43 -19.42 -2.99
CA LYS C 149 12.60 -19.99 -3.64
C LYS C 149 13.88 -19.22 -3.32
N LEU C 150 13.77 -17.91 -3.03
CA LEU C 150 14.93 -17.09 -2.67
C LEU C 150 15.49 -17.48 -1.31
N LEU C 151 14.64 -17.94 -0.40
CA LEU C 151 15.14 -18.50 0.84
C LEU C 151 15.57 -19.95 0.70
N VAL C 152 15.10 -20.65 -0.35
CA VAL C 152 15.63 -21.97 -0.67
C VAL C 152 17.05 -21.84 -1.18
N ASP C 153 17.28 -20.89 -2.09
CA ASP C 153 18.63 -20.59 -2.50
C ASP C 153 19.50 -20.25 -1.28
N ASN C 154 19.04 -19.30 -0.47
CA ASN C 154 19.84 -18.82 0.64
C ASN C 154 20.31 -19.99 1.48
N LEU C 155 19.41 -20.94 1.75
CA LEU C 155 19.69 -22.07 2.63
C LEU C 155 20.52 -23.15 1.95
N MET C 156 20.35 -23.34 0.63
CA MET C 156 21.19 -24.24 -0.13
C MET C 156 22.57 -23.64 -0.45
N ASP C 157 22.94 -22.59 0.27
CA ASP C 157 24.17 -21.84 0.05
C ASP C 157 25.09 -21.92 1.25
N LEU C 158 26.40 -21.91 0.99
CA LEU C 158 27.43 -21.92 2.03
C LEU C 158 27.24 -20.88 3.17
N GLU C 180 30.59 -31.89 -2.34
CA GLU C 180 30.01 -32.97 -3.14
C GLU C 180 28.50 -32.85 -3.13
N VAL C 181 27.85 -32.90 -4.30
CA VAL C 181 26.40 -32.75 -4.39
C VAL C 181 25.81 -34.04 -4.96
N ILE C 182 25.04 -34.75 -4.14
CA ILE C 182 24.42 -36.02 -4.49
C ILE C 182 22.98 -35.75 -4.90
N VAL C 183 22.54 -36.33 -6.02
CA VAL C 183 21.21 -36.11 -6.57
C VAL C 183 20.40 -37.38 -6.45
N GLY C 184 19.26 -37.30 -5.76
CA GLY C 184 18.36 -38.44 -5.64
C GLY C 184 16.94 -38.14 -6.05
N ASP C 185 16.00 -39.06 -5.79
CA ASP C 185 14.61 -38.84 -6.18
C ASP C 185 13.93 -38.02 -5.09
N GLY C 186 13.60 -36.76 -5.41
CA GLY C 186 12.95 -35.86 -4.48
C GLY C 186 13.76 -35.49 -3.28
N GLU C 187 15.07 -35.73 -3.31
CA GLU C 187 16.00 -35.40 -2.24
C GLU C 187 17.35 -35.08 -2.85
N ILE C 188 18.00 -34.04 -2.34
CA ILE C 188 19.32 -33.63 -2.82
C ILE C 188 20.17 -33.33 -1.59
N GLN C 189 21.44 -33.72 -1.66
CA GLN C 189 22.35 -33.51 -0.56
C GLN C 189 23.55 -32.70 -1.03
N ALA C 190 23.93 -31.70 -0.23
CA ALA C 190 25.12 -30.88 -0.47
C ALA C 190 26.01 -31.04 0.74
N LEU C 191 27.09 -31.80 0.55
CA LEU C 191 28.00 -32.15 1.63
C LEU C 191 29.31 -31.41 1.44
N MET C 192 29.85 -30.90 2.55
CA MET C 192 31.15 -30.26 2.57
C MET C 192 31.88 -30.72 3.81
N LYS C 193 33.03 -31.35 3.62
CA LYS C 193 33.89 -31.76 4.71
C LYS C 193 35.10 -30.84 4.69
N ILE C 194 35.39 -30.23 5.85
CA ILE C 194 36.40 -29.18 5.94
C ILE C 194 37.52 -29.53 6.93
N PRO C 195 38.66 -30.11 6.49
CA PRO C 195 39.75 -30.39 7.44
C PRO C 195 40.44 -29.09 7.85
N GLY C 196 40.19 -28.62 9.08
CA GLY C 196 40.86 -27.42 9.57
C GLY C 196 40.30 -26.06 9.15
N GLY C 197 39.88 -25.89 7.88
CA GLY C 197 39.25 -24.65 7.43
C GLY C 197 40.18 -23.50 7.05
N THR C 198 39.57 -22.34 6.75
CA THR C 198 40.34 -21.14 6.43
C THR C 198 41.25 -20.68 7.58
N PRO C 199 40.75 -20.42 8.83
CA PRO C 199 41.67 -20.37 9.97
C PRO C 199 41.49 -21.60 10.87
N SER C 200 40.47 -21.60 11.71
CA SER C 200 40.04 -22.79 12.45
C SER C 200 38.61 -23.06 12.01
N VAL C 201 38.29 -24.34 11.81
CA VAL C 201 36.96 -24.69 11.29
C VAL C 201 36.07 -25.05 12.48
N LEU C 202 36.21 -24.27 13.56
CA LEU C 202 35.46 -24.41 14.79
C LEU C 202 34.62 -23.15 15.04
N MET C 203 33.32 -23.34 15.29
CA MET C 203 32.43 -22.26 15.74
C MET C 203 32.48 -22.14 17.25
N ALA C 204 32.12 -20.94 17.75
CA ALA C 204 32.24 -20.65 19.19
C ALA C 204 31.52 -21.68 20.05
N LYS C 205 30.34 -22.12 19.60
CA LYS C 205 29.55 -23.10 20.32
C LYS C 205 30.18 -24.48 20.26
N PHE C 206 30.88 -24.79 19.16
CA PHE C 206 31.55 -26.08 19.00
C PHE C 206 32.92 -26.07 19.68
N LEU C 207 33.55 -24.88 19.77
CA LEU C 207 34.96 -24.76 20.16
C LEU C 207 35.24 -25.23 21.59
N ARG C 208 34.27 -25.10 22.47
CA ARG C 208 34.47 -25.42 23.87
C ARG C 208 34.33 -26.91 24.18
N GLY C 209 33.86 -27.72 23.24
CA GLY C 209 33.72 -29.15 23.40
C GLY C 209 34.96 -29.96 23.74
N ALA C 210 35.99 -29.91 22.90
CA ALA C 210 37.27 -30.59 23.13
C ALA C 210 38.41 -29.65 22.71
N ASN C 211 39.67 -30.19 22.66
CA ASN C 211 40.88 -29.39 22.35
C ASN C 211 41.74 -29.97 21.23
N THR C 212 41.81 -31.30 21.08
CA THR C 212 42.67 -31.94 20.08
C THR C 212 42.16 -31.65 18.65
N PRO C 213 43.07 -31.66 17.65
CA PRO C 213 42.69 -31.28 16.28
C PRO C 213 41.43 -31.97 15.75
N VAL C 214 40.62 -31.21 14.99
CA VAL C 214 39.26 -31.61 14.66
C VAL C 214 38.97 -31.46 13.17
N ASP C 215 38.00 -32.26 12.72
CA ASP C 215 37.38 -32.12 11.42
C ASP C 215 35.97 -31.54 11.62
N ALA C 216 35.50 -30.82 10.60
CA ALA C 216 34.18 -30.19 10.64
C ALA C 216 33.40 -30.52 9.38
N TRP C 217 32.09 -30.52 9.52
CA TRP C 217 31.18 -30.83 8.43
C TRP C 217 30.12 -29.74 8.32
N ASN C 218 29.62 -29.52 7.09
CA ASN C 218 28.55 -28.53 6.88
C ASN C 218 27.64 -29.04 5.74
N ASP C 219 26.74 -29.95 6.11
CA ASP C 219 25.83 -30.60 5.16
C ASP C 219 24.46 -29.98 5.22
N ILE C 220 23.72 -30.12 4.13
CA ILE C 220 22.29 -29.80 4.15
C ILE C 220 21.58 -30.73 3.19
N ARG C 221 20.37 -31.16 3.58
CA ARG C 221 19.55 -32.03 2.76
C ARG C 221 18.32 -31.26 2.29
N TRP C 222 17.98 -31.41 1.00
CA TRP C 222 16.76 -30.81 0.46
C TRP C 222 15.75 -31.91 0.19
N ASN C 223 14.52 -31.70 0.63
CA ASN C 223 13.42 -32.61 0.35
C ASN C 223 12.33 -31.92 -0.46
N LYS C 224 11.58 -32.73 -1.20
CA LYS C 224 10.66 -32.23 -2.23
C LYS C 224 9.84 -31.05 -1.78
N VAL C 225 9.85 -30.06 -2.67
CA VAL C 225 9.34 -28.71 -2.64
C VAL C 225 10.24 -27.81 -1.82
N SER C 226 10.15 -27.81 -0.49
CA SER C 226 10.99 -26.81 0.15
C SER C 226 11.22 -27.04 1.64
N ALA C 227 11.50 -28.29 2.01
CA ALA C 227 11.84 -28.64 3.38
C ALA C 227 13.31 -29.07 3.45
N MET C 228 14.09 -28.44 4.34
CA MET C 228 15.53 -28.61 4.41
C MET C 228 16.01 -28.87 5.83
N LEU C 229 17.07 -29.67 5.93
CA LEU C 229 17.68 -30.10 7.19
C LEU C 229 19.20 -30.10 7.04
N ASN C 230 19.88 -29.27 7.83
CA ASN C 230 21.34 -29.16 7.75
C ASN C 230 22.00 -29.91 8.89
N PHE C 231 23.32 -30.02 8.78
CA PHE C 231 24.14 -30.77 9.71
C PHE C 231 25.43 -29.98 9.92
N ILE C 232 25.56 -29.40 11.10
CA ILE C 232 26.74 -28.62 11.49
C ILE C 232 27.48 -29.40 12.56
N ALA C 233 28.72 -29.80 12.28
CA ALA C 233 29.40 -30.73 13.18
C ALA C 233 30.89 -30.42 13.32
N VAL C 234 31.44 -30.79 14.49
CA VAL C 234 32.86 -30.74 14.81
C VAL C 234 33.19 -31.95 15.67
N ALA C 235 34.32 -32.63 15.38
CA ALA C 235 34.71 -33.87 16.04
C ALA C 235 36.22 -34.02 16.04
N PRO C 236 36.80 -34.69 17.04
CA PRO C 236 38.25 -34.82 17.05
C PRO C 236 38.74 -35.69 15.90
N GLU C 237 39.86 -35.28 15.31
CA GLU C 237 40.65 -36.03 14.34
C GLU C 237 39.85 -36.50 13.13
N GLY C 238 39.55 -37.79 13.07
CA GLY C 238 38.72 -38.33 12.01
C GLY C 238 37.88 -39.45 12.55
N THR C 239 36.91 -39.08 13.36
CA THR C 239 35.96 -39.91 14.08
C THR C 239 34.65 -39.96 13.30
N PRO C 240 33.79 -40.94 13.59
CA PRO C 240 32.51 -41.00 12.87
C PRO C 240 31.80 -39.65 12.93
N LYS C 241 31.30 -39.25 11.77
CA LYS C 241 30.59 -37.99 11.62
C LYS C 241 29.46 -37.90 12.65
N GLU C 242 28.78 -39.03 12.89
CA GLU C 242 27.65 -39.13 13.81
C GLU C 242 28.08 -39.19 15.27
N GLN C 243 29.38 -39.38 15.52
CA GLN C 243 29.93 -39.39 16.86
C GLN C 243 30.52 -38.03 17.21
N SER C 244 30.17 -37.00 16.44
CA SER C 244 30.64 -35.64 16.61
C SER C 244 29.72 -34.85 17.54
N ILE C 245 30.15 -33.64 17.86
CA ILE C 245 29.30 -32.64 18.50
C ILE C 245 28.66 -31.80 17.41
N HIS C 246 27.31 -31.81 17.33
CA HIS C 246 26.65 -31.27 16.14
C HIS C 246 25.29 -30.66 16.46
N SER C 247 24.75 -29.97 15.45
CA SER C 247 23.39 -29.41 15.46
C SER C 247 22.73 -29.60 14.10
N ARG C 248 21.50 -30.12 14.11
CA ARG C 248 20.72 -30.33 12.90
C ARG C 248 19.68 -29.22 12.77
N GLY C 249 19.81 -28.42 11.72
CA GLY C 249 18.91 -27.30 11.50
C GLY C 249 17.72 -27.60 10.62
N THR C 250 16.54 -27.35 11.20
CA THR C 250 15.27 -27.40 10.51
C THR C 250 15.08 -26.07 9.79
N HIS C 251 14.97 -26.10 8.48
CA HIS C 251 14.82 -24.86 7.72
C HIS C 251 13.78 -25.09 6.63
N ILE C 252 12.51 -24.87 6.98
CA ILE C 252 11.40 -25.23 6.12
C ILE C 252 10.62 -24.00 5.71
N LEU C 253 10.38 -23.88 4.41
CA LEU C 253 9.65 -22.77 3.84
C LEU C 253 8.32 -23.27 3.30
N THR C 254 7.30 -22.45 3.47
CA THR C 254 5.95 -22.74 2.97
C THR C 254 5.51 -21.46 2.27
N PRO C 255 5.22 -21.50 0.97
CA PRO C 255 4.78 -20.29 0.27
C PRO C 255 3.49 -19.73 0.88
N GLU C 256 3.47 -18.41 1.03
CA GLU C 256 2.28 -17.70 1.48
C GLU C 256 1.56 -17.11 0.28
N THR C 257 2.22 -16.17 -0.39
CA THR C 257 1.76 -15.62 -1.65
C THR C 257 2.89 -15.77 -2.64
N GLU C 258 2.62 -15.41 -3.89
CA GLU C 258 3.62 -15.51 -4.95
C GLU C 258 4.91 -14.81 -4.50
N ALA C 259 4.79 -13.78 -3.66
CA ALA C 259 5.94 -12.98 -3.28
C ALA C 259 6.12 -12.89 -1.75
N SER C 260 5.60 -13.86 -0.99
CA SER C 260 5.83 -13.92 0.44
C SER C 260 5.82 -15.39 0.88
N CYS C 261 6.33 -15.66 2.08
CA CYS C 261 6.38 -17.04 2.54
C CYS C 261 6.55 -17.11 4.06
N HIS C 262 6.35 -18.31 4.59
CA HIS C 262 6.55 -18.61 6.00
C HIS C 262 7.85 -19.39 6.16
N TYR C 263 8.56 -19.10 7.26
CA TYR C 263 9.85 -19.73 7.57
C TYR C 263 9.69 -20.45 8.90
N PHE C 264 9.93 -21.77 8.89
CA PHE C 264 9.97 -22.60 10.10
C PHE C 264 11.39 -23.07 10.34
N PHE C 265 12.01 -22.54 11.39
CA PHE C 265 13.40 -22.83 11.69
C PHE C 265 13.52 -23.44 13.08
N GLY C 266 14.48 -24.33 13.22
CA GLY C 266 14.69 -24.98 14.50
C GLY C 266 16.08 -25.58 14.54
N SER C 267 16.54 -25.87 15.75
CA SER C 267 17.85 -26.42 15.94
C SER C 267 17.75 -27.58 16.90
N SER C 268 18.30 -28.71 16.52
CA SER C 268 18.33 -29.89 17.37
C SER C 268 19.79 -30.16 17.68
N ARG C 269 20.20 -29.79 18.90
CA ARG C 269 21.59 -29.92 19.30
C ARG C 269 21.78 -31.10 20.24
N ASN C 270 22.97 -31.71 20.16
CA ASN C 270 23.30 -32.87 20.98
C ASN C 270 24.29 -32.54 22.08
N PHE C 271 24.62 -31.27 22.29
CA PHE C 271 25.63 -30.87 23.24
C PHE C 271 25.10 -29.79 24.15
N GLY C 272 25.41 -29.90 25.44
CA GLY C 272 24.94 -28.91 26.39
C GLY C 272 23.45 -28.89 26.27
N ILE C 273 22.86 -30.08 26.31
CA ILE C 273 21.42 -30.23 26.10
C ILE C 273 20.62 -29.38 27.08
N ASP C 274 21.01 -29.37 28.35
CA ASP C 274 20.19 -28.78 29.41
C ASP C 274 20.66 -27.40 29.85
N ASP C 275 20.98 -26.62 28.83
CA ASP C 275 21.53 -25.28 28.91
C ASP C 275 20.38 -24.30 28.71
N PRO C 276 19.82 -23.72 29.77
CA PRO C 276 18.72 -22.75 29.58
C PRO C 276 19.16 -21.47 28.89
N GLU C 277 20.45 -21.14 28.99
CA GLU C 277 21.01 -19.99 28.28
C GLU C 277 21.10 -20.22 26.77
N MET C 278 21.58 -21.39 26.35
CA MET C 278 21.71 -21.68 24.92
C MET C 278 20.36 -21.67 24.22
N ASP C 279 19.29 -22.03 24.95
CA ASP C 279 17.95 -21.97 24.41
C ASP C 279 17.58 -20.54 24.02
N GLY C 280 18.06 -19.55 24.78
CA GLY C 280 17.70 -18.16 24.49
C GLY C 280 18.21 -17.66 23.15
N VAL C 281 19.50 -17.89 22.87
CA VAL C 281 20.08 -17.38 21.64
C VAL C 281 19.55 -18.14 20.43
N LEU C 282 19.25 -19.43 20.58
CA LEU C 282 18.76 -20.26 19.48
C LEU C 282 17.27 -20.08 19.17
N ARG C 283 16.49 -19.49 20.08
CA ARG C 283 15.10 -19.15 19.83
C ARG C 283 14.96 -17.78 19.17
N SER C 284 16.08 -17.10 18.97
CA SER C 284 16.13 -15.82 18.28
C SER C 284 16.00 -15.97 16.78
N TRP C 285 15.30 -15.01 16.17
CA TRP C 285 15.10 -15.01 14.73
C TRP C 285 16.39 -14.73 13.96
N GLN C 286 17.20 -13.79 14.44
CA GLN C 286 18.41 -13.45 13.72
C GLN C 286 19.52 -14.45 13.94
N ALA C 287 19.48 -15.20 15.05
CA ALA C 287 20.57 -16.06 15.47
C ALA C 287 20.51 -17.46 14.88
N GLN C 288 19.33 -18.05 14.71
CA GLN C 288 19.24 -19.43 14.25
C GLN C 288 19.05 -19.53 12.73
N ALA C 289 18.16 -18.73 12.18
CA ALA C 289 17.96 -18.66 10.73
C ALA C 289 18.73 -17.43 10.22
N LEU C 290 18.14 -16.58 9.38
CA LEU C 290 18.86 -15.48 8.77
C LEU C 290 18.73 -14.20 9.60
N VAL C 291 19.85 -13.52 9.80
CA VAL C 291 19.98 -12.34 10.67
C VAL C 291 19.08 -11.20 10.17
N LYS C 292 19.44 -9.95 10.50
CA LYS C 292 18.74 -8.76 10.00
C LYS C 292 19.22 -8.41 8.59
N GLU C 293 20.54 -8.43 8.39
CA GLU C 293 21.12 -8.24 7.05
C GLU C 293 20.81 -9.43 6.13
N ASP C 294 20.53 -10.61 6.69
CA ASP C 294 20.18 -11.74 5.83
C ASP C 294 18.69 -11.77 5.48
N LYS C 295 17.79 -11.40 6.41
CA LYS C 295 16.39 -11.13 6.06
C LYS C 295 16.25 -9.95 5.10
N VAL C 296 17.12 -8.94 5.26
CA VAL C 296 17.03 -7.79 4.37
C VAL C 296 17.45 -8.19 2.96
N VAL C 297 18.42 -9.09 2.82
CA VAL C 297 18.87 -9.44 1.48
C VAL C 297 17.73 -10.09 0.68
N VAL C 298 17.03 -11.05 1.27
CA VAL C 298 15.99 -11.73 0.49
C VAL C 298 14.83 -10.79 0.17
N GLU C 299 14.38 -9.99 1.16
CA GLU C 299 13.30 -9.04 0.90
C GLU C 299 13.73 -7.97 -0.10
N ALA C 300 15.01 -7.57 -0.05
CA ALA C 300 15.54 -6.60 -0.99
C ALA C 300 15.67 -7.19 -2.40
N ILE C 301 16.11 -8.44 -2.52
CA ILE C 301 16.14 -9.08 -3.84
C ILE C 301 14.73 -9.09 -4.42
N GLU C 302 13.75 -9.44 -3.58
CA GLU C 302 12.36 -9.53 -4.03
C GLU C 302 11.87 -8.20 -4.58
N ARG C 303 12.17 -7.09 -3.90
CA ARG C 303 11.77 -5.77 -4.40
C ARG C 303 12.46 -5.41 -5.71
N ARG C 304 13.58 -6.05 -6.04
CA ARG C 304 14.27 -5.83 -7.31
C ARG C 304 13.78 -6.76 -8.43
N ARG C 305 12.79 -7.61 -8.17
CA ARG C 305 12.35 -8.58 -9.17
C ARG C 305 11.72 -7.90 -10.38
N ALA C 306 10.90 -6.89 -10.17
CA ALA C 306 10.24 -6.29 -11.32
C ALA C 306 11.25 -5.71 -12.29
N TYR C 307 12.31 -5.07 -11.76
CA TYR C 307 13.33 -4.53 -12.64
C TYR C 307 14.07 -5.62 -13.38
N VAL C 308 14.56 -6.66 -12.66
CA VAL C 308 15.39 -7.65 -13.36
C VAL C 308 14.56 -8.36 -14.42
N GLU C 309 13.25 -8.48 -14.19
CA GLU C 309 12.36 -9.12 -15.16
C GLU C 309 12.05 -8.18 -16.32
N ALA C 310 11.91 -6.89 -16.05
CA ALA C 310 11.57 -5.96 -17.12
C ALA C 310 12.66 -5.91 -18.16
N ASN C 311 13.92 -5.90 -17.72
CA ASN C 311 15.06 -6.04 -18.61
C ASN C 311 15.41 -7.53 -18.74
N GLY C 312 16.40 -7.86 -19.56
CA GLY C 312 16.61 -9.28 -19.77
C GLY C 312 17.59 -9.93 -18.80
N ILE C 313 17.47 -9.56 -17.52
CA ILE C 313 18.55 -9.79 -16.56
C ILE C 313 18.38 -11.15 -15.94
N ARG C 314 19.29 -12.05 -16.27
CA ARG C 314 19.32 -13.41 -15.74
C ARG C 314 20.51 -13.53 -14.79
N PRO C 315 20.44 -14.36 -13.75
CA PRO C 315 21.53 -14.40 -12.77
C PRO C 315 22.84 -14.99 -13.33
N ALA C 316 23.97 -14.57 -12.75
CA ALA C 316 25.29 -15.05 -13.13
C ALA C 316 25.77 -16.09 -12.14
N MET C 317 25.97 -17.33 -12.61
CA MET C 317 26.30 -18.39 -11.68
C MET C 317 27.79 -18.48 -11.39
N LEU C 318 28.12 -18.88 -10.15
CA LEU C 318 29.46 -19.10 -9.63
C LEU C 318 29.64 -20.58 -9.30
N SER C 319 30.81 -20.92 -8.75
CA SER C 319 31.05 -22.32 -8.39
C SER C 319 30.18 -22.73 -7.21
N CYS C 320 29.94 -21.81 -6.26
CA CYS C 320 29.27 -22.15 -5.01
C CYS C 320 27.75 -22.32 -5.18
N ASP C 321 27.25 -22.41 -6.41
CA ASP C 321 25.82 -22.45 -6.66
C ASP C 321 25.31 -23.78 -7.17
N GLU C 322 26.15 -24.82 -7.24
CA GLU C 322 25.70 -26.07 -7.85
C GLU C 322 24.54 -26.68 -7.07
N ALA C 323 24.66 -26.76 -5.74
CA ALA C 323 23.60 -27.34 -4.93
C ALA C 323 22.31 -26.54 -5.10
N ALA C 324 22.39 -25.21 -5.01
CA ALA C 324 21.20 -24.39 -5.13
C ALA C 324 20.57 -24.50 -6.51
N VAL C 325 21.38 -24.59 -7.56
CA VAL C 325 20.84 -24.66 -8.92
C VAL C 325 20.11 -25.98 -9.15
N ARG C 326 20.63 -27.09 -8.59
CA ARG C 326 19.94 -28.36 -8.79
C ARG C 326 18.61 -28.41 -8.05
N VAL C 327 18.58 -27.90 -6.82
CA VAL C 327 17.30 -27.78 -6.11
C VAL C 327 16.36 -26.84 -6.86
N SER C 328 16.89 -25.78 -7.44
CA SER C 328 16.04 -24.86 -8.17
C SER C 328 15.38 -25.54 -9.35
N ARG C 329 16.15 -26.38 -10.05
CA ARG C 329 15.67 -27.10 -11.22
C ARG C 329 14.65 -28.18 -10.85
N GLU C 330 14.81 -28.80 -9.68
CA GLU C 330 13.80 -29.75 -9.21
C GLU C 330 12.48 -29.07 -8.95
N ILE C 331 12.51 -27.90 -8.33
CA ILE C 331 11.27 -27.15 -8.12
C ILE C 331 10.69 -26.71 -9.45
N GLU C 332 11.54 -26.30 -10.40
CA GLU C 332 11.03 -25.88 -11.70
C GLU C 332 10.31 -27.05 -12.40
N LYS C 333 10.91 -28.25 -12.37
CA LYS C 333 10.25 -29.43 -12.95
C LYS C 333 8.90 -29.66 -12.29
N LEU C 334 8.86 -29.61 -10.94
CA LEU C 334 7.62 -29.88 -10.23
C LEU C 334 6.58 -28.82 -10.53
N GLU C 335 6.96 -27.55 -10.61
CA GLU C 335 5.98 -26.53 -10.95
C GLU C 335 5.43 -26.73 -12.35
N GLN C 336 6.28 -27.10 -13.31
CA GLN C 336 5.78 -27.32 -14.64
C GLN C 336 4.92 -28.58 -14.71
N LEU C 337 5.33 -29.66 -14.03
CA LEU C 337 4.55 -30.92 -14.06
C LEU C 337 3.13 -30.75 -13.52
N GLU C 338 2.95 -30.03 -12.41
CA GLU C 338 1.60 -29.80 -11.94
C GLU C 338 0.83 -28.86 -12.86
N ALA C 339 1.48 -27.80 -13.33
CA ALA C 339 0.83 -26.88 -14.25
C ALA C 339 0.33 -27.61 -15.50
N ALA C 340 1.04 -28.66 -15.92
CA ALA C 340 0.63 -29.44 -17.08
C ALA C 340 -0.69 -30.14 -16.81
N ARG C 341 -0.90 -30.54 -15.56
CA ARG C 341 -2.14 -31.18 -15.17
C ARG C 341 -3.35 -30.28 -15.38
N LEU C 342 -3.28 -29.02 -14.94
CA LEU C 342 -4.40 -28.09 -15.18
C LEU C 342 -4.34 -27.44 -16.56
FE1 FES D . 26.47 -10.19 -4.55
FE2 FES D . 26.02 -13.07 -4.61
S1 FES D . 27.86 -11.90 -4.65
S2 FES D . 24.64 -11.37 -4.86
FE1 FES E . -7.29 25.26 -9.34
FE2 FES E . -4.82 26.24 -10.73
S1 FES E . -6.69 27.18 -10.15
S2 FES E . -5.56 24.26 -10.23
FE1 FES F . -20.99 -17.99 8.02
FE2 FES F . -24.05 -18.35 8.55
S1 FES F . -22.24 -19.41 9.11
S2 FES F . -22.82 -17.03 7.33
#